data_2F9N
#
_entry.id   2F9N
#
_cell.length_a   83.310
_cell.length_b   88.570
_cell.length_c   163.370
_cell.angle_alpha   90.00
_cell.angle_beta   90.00
_cell.angle_gamma   90.00
#
_symmetry.space_group_name_H-M   'P 21 21 21'
#
loop_
_entity.id
_entity.type
_entity.pdbx_description
1 polymer 'alpha I tryptase'
2 polymer Leupeptin
3 branched alpha-L-fucopyranose-(1-3)-[2-acetamido-2-deoxy-beta-D-glucopyranose-(1-4)][alpha-L-fucopyranose-(1-6)]2-acetamido-2-deoxy-beta-D-glucopyranose
4 non-polymer (R,R)-2,3-BUTANEDIOL
5 non-polymer 2-acetamido-2-deoxy-beta-D-glucopyranose
6 water water
#
loop_
_entity_poly.entity_id
_entity_poly.type
_entity_poly.pdbx_seq_one_letter_code
_entity_poly.pdbx_strand_id
1 'polypeptide(L)'
;IVGGQEAPRSKWPWQVSLRVRDRYWMHFCGGSLIHPQWVLTAAHCVGPDVKDLATLRVQLREQHLYYQDQLLPVSRIIVH
PQFYIIQTGADIALLELEEPVNISSRVHTVMLPPASETFPPGMPCWVTGWGDVDNDEPLPPPFPLKQVKVPIMENHICDA
KYHLGAYTGDDVRIIRDDMLCAGNSQRDSCQGDSGGPLVCKVNGTWLQAGVVSWGEGCAQPNRPGIYTRVTYYLDWIHHY
VPKKP
;
A,B,C,D
2 'polypeptide(L)' (ACE)LL(AR7) E,F,G,H
#
# COMPACT_ATOMS: atom_id res chain seq x y z
N ILE A 1 2.58 -20.19 6.79
CA ILE A 1 2.61 -21.03 8.03
C ILE A 1 2.89 -20.16 9.24
N VAL A 2 2.02 -20.26 10.24
CA VAL A 2 2.13 -19.45 11.45
C VAL A 2 2.62 -20.31 12.60
N GLY A 3 3.65 -19.84 13.28
CA GLY A 3 4.18 -20.57 14.42
C GLY A 3 5.04 -21.78 14.12
N GLY A 4 5.54 -21.93 12.90
CA GLY A 4 6.35 -23.11 12.63
C GLY A 4 7.84 -22.84 12.55
N GLN A 5 8.55 -23.73 11.85
CA GLN A 5 9.99 -23.58 11.67
C GLN A 5 10.27 -23.97 10.20
N GLU A 6 11.46 -23.62 9.71
N GLU A 6 11.45 -23.62 9.70
CA GLU A 6 11.85 -23.97 8.35
CA GLU A 6 11.81 -23.96 8.33
C GLU A 6 11.95 -25.49 8.27
C GLU A 6 11.97 -25.47 8.25
N ALA A 7 11.47 -26.07 7.18
CA ALA A 7 11.53 -27.54 6.99
C ALA A 7 12.90 -28.06 6.59
N PRO A 8 13.31 -29.23 7.10
CA PRO A 8 14.62 -29.83 6.75
C PRO A 8 14.51 -30.23 5.28
N ARG A 9 15.62 -30.27 4.56
CA ARG A 9 15.60 -30.60 3.13
C ARG A 9 15.03 -31.96 2.84
N SER A 10 15.17 -32.88 3.79
CA SER A 10 14.67 -34.25 3.59
C SER A 10 13.17 -34.45 3.88
N LYS A 11 12.48 -33.40 4.30
CA LYS A 11 11.07 -33.55 4.62
C LYS A 11 10.09 -33.00 3.55
N TRP A 12 8.93 -33.67 3.46
CA TRP A 12 7.85 -33.26 2.58
C TRP A 12 8.24 -33.25 1.11
N PRO A 13 8.69 -34.41 0.60
CA PRO A 13 9.09 -34.48 -0.81
C PRO A 13 7.97 -34.28 -1.81
N TRP A 14 6.73 -34.28 -1.33
CA TRP A 14 5.53 -34.13 -2.17
C TRP A 14 5.04 -32.69 -2.27
N GLN A 15 5.57 -31.79 -1.46
CA GLN A 15 5.12 -30.41 -1.50
C GLN A 15 5.39 -29.71 -2.86
N VAL A 16 4.39 -28.99 -3.38
CA VAL A 16 4.62 -28.24 -4.61
C VAL A 16 4.16 -26.80 -4.43
N SER A 17 4.64 -25.94 -5.30
CA SER A 17 4.31 -24.53 -5.33
C SER A 17 3.65 -24.25 -6.69
N LEU A 18 2.49 -23.59 -6.68
CA LEU A 18 1.81 -23.23 -7.94
C LEU A 18 2.23 -21.80 -8.25
N ARG A 19 2.55 -21.53 -9.51
CA ARG A 19 3.03 -20.22 -9.94
C ARG A 19 2.16 -19.56 -11.01
N VAL A 20 1.97 -18.24 -10.88
CA VAL A 20 1.22 -17.48 -11.88
C VAL A 20 2.17 -16.45 -12.52
N ARG A 21 2.07 -16.33 -13.84
CA ARG A 21 2.91 -15.41 -14.60
C ARG A 21 2.61 -13.96 -14.24
N ASP A 22 3.58 -13.30 -13.59
CA ASP A 22 3.42 -11.90 -13.19
C ASP A 22 4.70 -11.22 -13.71
N ARG A 23 5.36 -10.38 -12.91
CA ARG A 23 6.64 -9.81 -13.35
C ARG A 23 7.70 -10.93 -13.16
N TYR A 24 7.27 -12.01 -12.51
CA TYR A 24 8.08 -13.21 -12.27
C TYR A 24 7.06 -14.34 -12.05
N TRP A 25 7.51 -15.60 -12.01
CA TRP A 25 6.59 -16.72 -11.77
C TRP A 25 6.35 -16.74 -10.28
N MET A 26 5.38 -15.92 -9.87
N MET A 26 5.37 -15.93 -9.88
CA MET A 26 5.08 -15.78 -8.45
CA MET A 26 4.99 -15.75 -8.48
C MET A 26 4.21 -16.87 -7.83
C MET A 26 4.18 -16.87 -7.83
N HIS A 27 4.59 -17.27 -6.63
CA HIS A 27 3.89 -18.31 -5.87
C HIS A 27 2.52 -17.78 -5.43
N PHE A 28 1.49 -18.60 -5.55
CA PHE A 28 0.16 -18.19 -5.09
C PHE A 28 -0.57 -19.25 -4.25
N CYS A 29 -0.13 -20.49 -4.35
CA CYS A 29 -0.77 -21.58 -3.63
C CYS A 29 0.17 -22.77 -3.55
N GLY A 30 -0.17 -23.71 -2.67
CA GLY A 30 0.59 -24.92 -2.58
C GLY A 30 -0.22 -26.04 -3.21
N GLY A 31 0.37 -27.23 -3.17
CA GLY A 31 -0.25 -28.44 -3.70
C GLY A 31 0.59 -29.62 -3.24
N SER A 32 0.19 -30.83 -3.59
CA SER A 32 0.94 -32.02 -3.23
C SER A 32 0.97 -32.99 -4.41
N LEU A 33 2.11 -33.65 -4.60
CA LEU A 33 2.27 -34.64 -5.66
C LEU A 33 1.64 -35.92 -5.10
N ILE A 34 0.54 -36.37 -5.70
CA ILE A 34 -0.12 -37.59 -5.21
C ILE A 34 0.06 -38.74 -6.21
N HIS A 35 0.65 -38.41 -7.34
CA HIS A 35 0.95 -39.39 -8.40
C HIS A 35 2.07 -38.72 -9.23
N PRO A 36 2.97 -39.52 -9.83
CA PRO A 36 4.06 -38.93 -10.63
C PRO A 36 3.59 -37.87 -11.63
N GLN A 37 2.33 -37.97 -12.08
CA GLN A 37 1.79 -37.00 -13.03
C GLN A 37 0.62 -36.16 -12.53
N TRP A 38 0.28 -36.27 -11.25
CA TRP A 38 -0.83 -35.51 -10.69
C TRP A 38 -0.58 -34.74 -9.37
N VAL A 39 -1.03 -33.48 -9.35
CA VAL A 39 -0.93 -32.60 -8.18
C VAL A 39 -2.34 -32.35 -7.60
N LEU A 40 -2.46 -32.49 -6.28
CA LEU A 40 -3.71 -32.24 -5.59
C LEU A 40 -3.62 -30.81 -5.01
N THR A 41 -4.68 -30.02 -5.17
CA THR A 41 -4.66 -28.66 -4.65
C THR A 41 -6.08 -28.24 -4.31
N ALA A 42 -6.28 -26.96 -4.00
CA ALA A 42 -7.61 -26.48 -3.64
C ALA A 42 -8.29 -25.86 -4.87
N ALA A 43 -9.59 -26.05 -5.00
CA ALA A 43 -10.33 -25.50 -6.12
C ALA A 43 -10.22 -23.97 -6.18
N HIS A 44 -10.32 -23.29 -5.03
CA HIS A 44 -10.24 -21.83 -5.04
C HIS A 44 -8.88 -21.26 -5.52
N CYS A 45 -7.84 -22.09 -5.49
CA CYS A 45 -6.52 -21.68 -5.98
C CYS A 45 -6.52 -21.45 -7.49
N VAL A 46 -7.28 -22.25 -8.22
N VAL A 46 -7.30 -22.24 -8.22
CA VAL A 46 -7.34 -22.12 -9.66
CA VAL A 46 -7.37 -22.14 -9.67
C VAL A 46 -8.68 -21.50 -10.09
C VAL A 46 -8.74 -21.72 -10.24
N GLY A 47 -9.21 -20.64 -9.21
N GLY A 47 -9.81 -22.03 -9.51
CA GLY A 47 -10.46 -19.95 -9.45
CA GLY A 47 -11.16 -21.67 -9.95
C GLY A 47 -10.19 -18.46 -9.53
C GLY A 47 -11.82 -20.60 -9.08
N PRO A 48 -11.24 -17.63 -9.77
N PRO A 48 -13.14 -20.39 -9.24
CA PRO A 48 -12.64 -17.97 -9.96
CA PRO A 48 -14.05 -21.07 -10.16
C PRO A 48 -13.09 -18.39 -11.36
C PRO A 48 -13.87 -20.74 -11.65
N ASP A 49 -12.28 -18.08 -12.36
N ASP A 49 -13.29 -19.57 -11.94
CA ASP A 49 -12.64 -18.42 -13.75
CA ASP A 49 -13.04 -19.13 -13.32
C ASP A 49 -11.75 -19.51 -14.32
C ASP A 49 -12.03 -20.06 -14.02
N VAL A 50 -12.22 -20.17 -15.39
N VAL A 50 -12.32 -20.41 -15.27
CA VAL A 50 -11.44 -21.22 -16.04
CA VAL A 50 -11.44 -21.29 -16.04
C VAL A 50 -10.14 -20.55 -16.48
C VAL A 50 -10.15 -20.57 -16.45
N LYS A 51 -9.02 -21.16 -16.10
CA LYS A 51 -7.70 -20.60 -16.38
C LYS A 51 -7.05 -20.86 -17.74
N ASP A 52 -6.24 -19.91 -18.20
CA ASP A 52 -5.47 -20.09 -19.42
C ASP A 52 -4.25 -20.83 -18.86
N LEU A 53 -4.09 -22.10 -19.21
CA LEU A 53 -2.97 -22.89 -18.66
C LEU A 53 -1.57 -22.33 -18.92
N ALA A 54 -1.44 -21.47 -19.90
CA ALA A 54 -0.16 -20.86 -20.21
C ALA A 54 0.32 -19.93 -19.08
N THR A 55 -0.62 -19.43 -18.27
CA THR A 55 -0.28 -18.53 -17.17
C THR A 55 0.08 -19.26 -15.85
N LEU A 56 0.09 -20.59 -15.89
N LEU A 56 0.12 -20.58 -15.90
CA LEU A 56 0.39 -21.41 -14.72
CA LEU A 56 0.41 -21.35 -14.70
C LEU A 56 1.56 -22.37 -14.87
C LEU A 56 1.56 -22.36 -14.86
N ARG A 57 2.30 -22.56 -13.78
CA ARG A 57 3.42 -23.51 -13.76
C ARG A 57 3.43 -24.17 -12.38
N VAL A 58 4.03 -25.34 -12.31
CA VAL A 58 4.16 -26.06 -11.05
C VAL A 58 5.67 -26.17 -10.75
N GLN A 59 6.03 -25.96 -9.48
CA GLN A 59 7.42 -26.12 -9.04
C GLN A 59 7.41 -27.25 -8.00
N LEU A 60 8.21 -28.29 -8.20
CA LEU A 60 8.26 -29.41 -7.25
C LEU A 60 9.10 -29.01 -6.04
N ARG A 61 9.25 -29.93 -5.08
CA ARG A 61 9.97 -29.65 -3.85
C ARG A 61 11.28 -28.87 -4.05
N GLU A 62 11.37 -27.72 -3.40
CA GLU A 62 12.57 -26.89 -3.40
C GLU A 62 12.56 -26.26 -2.01
N GLN A 63 13.75 -26.03 -1.48
CA GLN A 63 13.90 -25.51 -0.15
C GLN A 63 13.52 -24.01 -0.08
N HIS A 64 13.92 -23.27 -1.12
CA HIS A 64 13.64 -21.83 -1.18
C HIS A 64 12.98 -21.41 -2.47
N LEU A 65 11.85 -20.72 -2.37
CA LEU A 65 11.14 -20.25 -3.57
C LEU A 65 11.99 -19.38 -4.48
N TYR A 66 11.85 -19.60 -5.79
CA TYR A 66 12.50 -18.82 -6.84
C TYR A 66 13.98 -19.07 -7.09
N TYR A 67 14.69 -19.59 -6.10
CA TYR A 67 16.10 -19.84 -6.25
C TYR A 67 16.56 -20.86 -7.29
C TYR A 67 16.19 -21.31 -6.68
N GLN A 68 16.17 -22.12 -7.11
N GLN A 68 16.69 -21.55 -7.90
CA GLN A 68 16.56 -23.12 -8.08
CA GLN A 68 16.81 -22.89 -8.46
C GLN A 68 15.29 -23.60 -8.75
C GLN A 68 15.52 -23.52 -8.99
N ASP A 69 14.58 -22.68 -9.42
CA ASP A 69 13.31 -23.10 -10.03
C ASP A 69 13.50 -23.96 -11.28
N GLN A 70 12.60 -24.92 -11.48
CA GLN A 70 12.56 -25.77 -12.67
C GLN A 70 11.04 -25.87 -12.86
N LEU A 71 10.47 -24.88 -13.54
CA LEU A 71 9.03 -24.84 -13.72
C LEU A 71 8.46 -25.83 -14.72
N LEU A 72 7.35 -26.46 -14.32
CA LEU A 72 6.71 -27.49 -15.15
C LEU A 72 5.35 -27.04 -15.64
N PRO A 73 5.06 -27.27 -16.93
CA PRO A 73 3.76 -26.88 -17.46
C PRO A 73 2.64 -27.86 -17.04
N VAL A 74 1.40 -27.38 -17.09
CA VAL A 74 0.22 -28.14 -16.71
C VAL A 74 -0.61 -28.47 -17.96
N SER A 75 -0.93 -29.75 -18.17
CA SER A 75 -1.74 -30.07 -19.35
C SER A 75 -3.22 -30.01 -19.07
N ARG A 76 -3.60 -30.12 -17.80
CA ARG A 76 -5.02 -30.14 -17.49
C ARG A 76 -5.36 -29.79 -16.05
N ILE A 77 -6.47 -29.09 -15.87
CA ILE A 77 -6.97 -28.71 -14.55
C ILE A 77 -8.39 -29.26 -14.42
N ILE A 78 -8.64 -30.01 -13.34
CA ILE A 78 -9.96 -30.55 -13.05
C ILE A 78 -10.43 -30.07 -11.68
N VAL A 79 -11.46 -29.23 -11.67
CA VAL A 79 -11.99 -28.68 -10.43
C VAL A 79 -13.29 -29.40 -10.06
N HIS A 80 -13.44 -29.76 -8.80
CA HIS A 80 -14.66 -30.47 -8.41
C HIS A 80 -15.86 -29.65 -8.90
N PRO A 81 -16.81 -30.27 -9.62
CA PRO A 81 -18.00 -29.54 -10.12
C PRO A 81 -18.94 -28.90 -9.07
N GLN A 82 -18.93 -29.42 -7.85
CA GLN A 82 -19.77 -28.85 -6.80
C GLN A 82 -19.21 -27.52 -6.31
N PHE A 83 -17.97 -27.22 -6.68
CA PHE A 83 -17.33 -25.98 -6.23
C PHE A 83 -17.82 -24.71 -6.96
N TYR A 84 -18.12 -23.65 -6.23
CA TYR A 84 -18.50 -22.41 -6.89
C TYR A 84 -18.07 -21.18 -6.08
N ILE A 85 -18.12 -19.99 -6.67
CA ILE A 85 -17.68 -18.78 -5.98
C ILE A 85 -18.34 -18.45 -4.67
N ILE A 86 -17.53 -17.82 -3.82
CA ILE A 86 -17.90 -17.41 -2.46
C ILE A 86 -18.75 -18.45 -1.68
N GLN A 87 -18.16 -19.64 -1.54
CA GLN A 87 -18.70 -20.76 -0.78
C GLN A 87 -17.41 -21.60 -0.57
N THR A 88 -17.35 -22.36 0.52
CA THR A 88 -16.14 -23.11 0.86
C THR A 88 -16.16 -24.62 0.64
N GLY A 89 -17.34 -25.18 0.35
CA GLY A 89 -17.44 -26.63 0.12
C GLY A 89 -16.81 -27.14 -1.19
N ALA A 90 -16.47 -28.43 -1.22
CA ALA A 90 -15.84 -29.05 -2.39
C ALA A 90 -14.58 -28.29 -2.87
N ASP A 91 -13.81 -27.76 -1.93
CA ASP A 91 -12.61 -27.00 -2.31
C ASP A 91 -11.44 -27.93 -2.63
N ILE A 92 -11.50 -28.52 -3.83
CA ILE A 92 -10.50 -29.48 -4.24
C ILE A 92 -10.39 -29.49 -5.77
N ALA A 93 -9.15 -29.67 -6.24
CA ALA A 93 -8.86 -29.68 -7.67
C ALA A 93 -7.62 -30.52 -7.92
N LEU A 94 -7.51 -30.96 -9.17
CA LEU A 94 -6.39 -31.76 -9.64
C LEU A 94 -5.73 -31.07 -10.83
N LEU A 95 -4.40 -31.16 -10.85
CA LEU A 95 -3.59 -30.60 -11.93
C LEU A 95 -2.84 -31.79 -12.55
N GLU A 96 -3.01 -32.00 -13.85
CA GLU A 96 -2.29 -33.06 -14.55
C GLU A 96 -1.03 -32.46 -15.19
N LEU A 97 0.15 -32.93 -14.80
CA LEU A 97 1.37 -32.38 -15.35
C LEU A 97 1.52 -32.85 -16.78
N GLU A 98 2.28 -32.12 -17.59
CA GLU A 98 2.45 -32.52 -18.98
C GLU A 98 3.30 -33.78 -19.07
N GLU A 99 4.15 -34.00 -18.07
CA GLU A 99 5.00 -35.18 -18.05
C GLU A 99 5.06 -35.75 -16.64
N PRO A 100 5.18 -37.07 -16.53
CA PRO A 100 5.26 -37.64 -15.18
C PRO A 100 6.65 -37.29 -14.63
N VAL A 101 6.74 -36.98 -13.35
CA VAL A 101 8.02 -36.62 -12.76
C VAL A 101 8.84 -37.86 -12.41
N ASN A 102 10.16 -37.68 -12.38
CA ASN A 102 11.03 -38.78 -12.03
C ASN A 102 10.99 -38.82 -10.51
N ILE A 103 10.50 -39.93 -9.98
CA ILE A 103 10.39 -40.08 -8.53
C ILE A 103 11.75 -40.40 -7.89
N SER A 104 12.09 -39.69 -6.83
CA SER A 104 13.35 -39.93 -6.11
C SER A 104 13.05 -39.75 -4.62
N SER A 105 14.08 -39.86 -3.78
CA SER A 105 13.88 -39.69 -2.35
C SER A 105 13.64 -38.21 -2.00
N ARG A 106 14.19 -37.31 -2.83
CA ARG A 106 14.05 -35.87 -2.62
C ARG A 106 12.69 -35.37 -3.13
N VAL A 107 12.14 -36.06 -4.13
CA VAL A 107 10.84 -35.71 -4.72
C VAL A 107 10.00 -36.95 -4.99
N HIS A 108 8.95 -37.14 -4.20
CA HIS A 108 8.07 -38.27 -4.46
C HIS A 108 6.64 -37.98 -3.98
N THR A 109 5.74 -38.94 -4.18
CA THR A 109 4.35 -38.73 -3.82
C THR A 109 3.98 -38.94 -2.36
N VAL A 110 2.83 -38.39 -1.97
CA VAL A 110 2.34 -38.60 -0.61
C VAL A 110 1.18 -39.61 -0.73
N MET A 111 1.02 -40.45 0.27
CA MET A 111 -0.03 -41.46 0.26
C MET A 111 -1.38 -40.90 0.70
N LEU A 112 -2.44 -41.26 -0.02
CA LEU A 112 -3.77 -40.79 0.35
C LEU A 112 -4.27 -41.76 1.41
N PRO A 113 -5.16 -41.28 2.29
CA PRO A 113 -5.67 -42.15 3.33
C PRO A 113 -6.75 -43.12 2.86
N PRO A 114 -6.97 -44.20 3.63
CA PRO A 114 -8.04 -45.13 3.24
C PRO A 114 -9.34 -44.41 3.67
N ALA A 115 -10.44 -44.70 2.99
CA ALA A 115 -11.73 -44.09 3.27
C ALA A 115 -12.15 -44.09 4.75
N SER A 116 -11.67 -45.08 5.48
CA SER A 116 -12.02 -45.25 6.89
C SER A 116 -11.26 -44.39 7.91
N GLU A 117 -10.15 -43.78 7.50
CA GLU A 117 -9.41 -42.97 8.45
C GLU A 117 -10.10 -41.62 8.72
N THR A 118 -10.44 -41.38 9.99
CA THR A 118 -11.10 -40.15 10.39
C THR A 118 -10.18 -39.07 10.94
N PHE A 119 -8.92 -39.40 11.21
CA PHE A 119 -7.95 -38.43 11.74
C PHE A 119 -8.49 -37.73 12.99
N PRO A 120 -8.74 -38.51 14.06
CA PRO A 120 -9.27 -37.94 15.29
C PRO A 120 -8.29 -37.08 16.08
N PRO A 121 -8.80 -36.31 17.06
CA PRO A 121 -7.99 -35.45 17.92
C PRO A 121 -6.84 -36.24 18.49
N GLY A 122 -5.68 -35.59 18.61
CA GLY A 122 -4.50 -36.23 19.16
C GLY A 122 -3.51 -36.76 18.14
N MET A 123 -4.00 -36.94 16.92
CA MET A 123 -3.18 -37.43 15.82
C MET A 123 -2.10 -36.40 15.49
N PRO A 124 -0.82 -36.84 15.37
N PRO A 124 -0.81 -36.83 15.41
CA PRO A 124 0.28 -35.91 15.04
CA PRO A 124 0.24 -35.85 15.08
C PRO A 124 0.18 -35.53 13.55
C PRO A 124 0.20 -35.53 13.58
N CYS A 125 -0.09 -34.26 13.27
CA CYS A 125 -0.19 -33.81 11.89
C CYS A 125 0.56 -32.50 11.69
N TRP A 126 1.11 -32.34 10.48
CA TRP A 126 1.85 -31.15 10.08
C TRP A 126 1.26 -30.55 8.82
N VAL A 127 1.28 -29.23 8.75
CA VAL A 127 0.84 -28.53 7.54
C VAL A 127 2.09 -27.77 7.08
N THR A 128 2.29 -27.71 5.77
CA THR A 128 3.49 -27.08 5.22
C THR A 128 3.17 -26.09 4.11
N GLY A 129 4.06 -25.13 3.90
CA GLY A 129 3.81 -24.15 2.87
C GLY A 129 4.70 -22.93 2.93
N TRP A 130 4.55 -22.07 1.92
CA TRP A 130 5.32 -20.84 1.78
C TRP A 130 4.43 -19.62 2.02
N GLY A 131 3.32 -19.84 2.72
CA GLY A 131 2.39 -18.75 2.98
C GLY A 131 2.78 -17.79 4.09
N ASP A 132 1.86 -16.88 4.41
CA ASP A 132 2.08 -15.86 5.44
C ASP A 132 2.44 -16.44 6.79
N VAL A 133 3.35 -15.75 7.49
CA VAL A 133 3.81 -16.19 8.82
C VAL A 133 2.98 -15.59 9.93
N ASP A 134 2.02 -14.74 9.56
CA ASP A 134 1.06 -14.09 10.45
C ASP A 134 0.02 -13.39 9.56
N ASN A 135 -1.08 -12.91 10.15
CA ASN A 135 -2.08 -12.20 9.39
C ASN A 135 -1.39 -11.06 8.65
N ASP A 136 -1.60 -10.97 7.33
CA ASP A 136 -1.01 -9.91 6.51
C ASP A 136 0.48 -9.80 6.69
N GLU A 137 1.16 -10.89 6.95
CA GLU A 137 2.60 -10.83 7.13
C GLU A 137 3.20 -11.91 6.23
N PRO A 138 3.64 -11.54 5.01
CA PRO A 138 4.21 -12.54 4.11
C PRO A 138 5.53 -13.20 4.55
N LEU A 139 5.75 -14.40 4.02
CA LEU A 139 6.99 -15.12 4.29
C LEU A 139 8.14 -14.23 3.73
N PRO A 140 9.13 -13.88 4.56
CA PRO A 140 10.25 -13.03 4.12
C PRO A 140 11.26 -13.80 3.25
N PRO A 141 12.09 -13.07 2.47
CA PRO A 141 13.11 -13.72 1.63
C PRO A 141 14.06 -14.42 2.65
N PRO A 142 14.72 -15.55 2.31
CA PRO A 142 14.76 -16.31 1.05
C PRO A 142 13.61 -17.30 0.85
N PHE A 143 12.49 -17.08 1.53
CA PHE A 143 11.31 -17.92 1.31
C PHE A 143 11.51 -19.42 1.58
N PRO A 144 11.97 -19.79 2.79
CA PRO A 144 12.16 -21.21 3.07
C PRO A 144 10.80 -21.94 3.20
N LEU A 145 10.72 -23.20 2.79
CA LEU A 145 9.48 -23.94 3.00
C LEU A 145 9.34 -24.10 4.53
N LYS A 146 8.16 -23.82 5.08
CA LYS A 146 7.97 -23.96 6.54
C LYS A 146 7.02 -25.10 6.87
N GLN A 147 7.06 -25.54 8.13
CA GLN A 147 6.22 -26.62 8.61
C GLN A 147 5.79 -26.25 10.02
N VAL A 148 4.64 -26.78 10.43
CA VAL A 148 4.17 -26.55 11.79
C VAL A 148 3.24 -27.72 12.17
N LYS A 149 3.35 -28.19 13.41
CA LYS A 149 2.50 -29.26 13.89
C LYS A 149 1.21 -28.57 14.32
N VAL A 150 0.07 -29.08 13.87
CA VAL A 150 -1.22 -28.48 14.23
C VAL A 150 -2.15 -29.51 14.86
N PRO A 151 -2.79 -29.15 15.98
CA PRO A 151 -3.69 -30.07 16.67
C PRO A 151 -5.03 -30.20 15.94
N ILE A 152 -5.49 -31.42 15.77
CA ILE A 152 -6.77 -31.69 15.12
C ILE A 152 -7.90 -31.38 16.12
N MET A 153 -9.00 -30.79 15.65
CA MET A 153 -10.19 -30.55 16.50
C MET A 153 -11.32 -31.31 15.83
N GLU A 154 -12.07 -32.07 16.61
CA GLU A 154 -13.17 -32.86 16.07
C GLU A 154 -14.20 -31.94 15.42
N ASN A 155 -14.77 -32.36 14.29
CA ASN A 155 -15.70 -31.52 13.53
C ASN A 155 -16.81 -30.78 14.26
N HIS A 156 -17.56 -31.45 15.12
CA HIS A 156 -18.64 -30.76 15.82
C HIS A 156 -18.12 -29.78 16.86
N ILE A 157 -17.01 -30.12 17.50
CA ILE A 157 -16.38 -29.24 18.48
C ILE A 157 -15.97 -27.97 17.73
N CYS A 158 -15.40 -28.20 16.56
CA CYS A 158 -14.95 -27.13 15.67
C CYS A 158 -16.14 -26.29 15.20
N ASP A 159 -17.24 -26.95 14.84
CA ASP A 159 -18.44 -26.23 14.40
C ASP A 159 -18.92 -25.30 15.54
N ALA A 160 -18.95 -25.83 16.75
CA ALA A 160 -19.33 -25.03 17.90
C ALA A 160 -18.36 -23.83 18.08
N LYS A 161 -17.06 -24.06 17.90
CA LYS A 161 -16.08 -22.98 18.03
C LYS A 161 -16.42 -21.82 17.08
N TYR A 162 -16.72 -22.15 15.83
CA TYR A 162 -17.05 -21.15 14.85
C TYR A 162 -18.37 -20.39 15.15
N HIS A 163 -19.20 -20.92 16.04
CA HIS A 163 -20.44 -20.21 16.39
C HIS A 163 -20.18 -19.24 17.53
N LEU A 164 -19.06 -19.42 18.23
CA LEU A 164 -18.69 -18.52 19.35
C LEU A 164 -18.39 -17.14 18.81
N GLY A 165 -19.13 -16.14 19.27
CA GLY A 165 -18.90 -14.80 18.82
C GLY A 165 -19.44 -14.52 17.44
N ALA A 166 -20.30 -15.41 16.93
CA ALA A 166 -20.90 -15.26 15.59
C ALA A 166 -22.43 -15.10 15.66
N TYR A 167 -23.05 -14.52 14.64
N TYR A 167 -23.04 -14.54 14.62
CA TYR A 167 -24.51 -14.33 14.64
CA TYR A 167 -24.48 -14.32 14.58
C TYR A 167 -25.26 -15.56 14.11
C TYR A 167 -25.25 -15.57 14.14
N THR A 168 -24.52 -16.51 13.53
CA THR A 168 -25.10 -17.73 13.00
C THR A 168 -25.89 -18.58 14.01
N GLY A 169 -27.05 -19.09 13.59
CA GLY A 169 -27.85 -19.90 14.48
C GLY A 169 -27.13 -21.18 14.87
N ASP A 170 -27.29 -21.58 16.13
CA ASP A 170 -26.65 -22.79 16.62
C ASP A 170 -27.00 -24.04 15.82
N ASP A 171 -28.15 -24.04 15.19
CA ASP A 171 -28.61 -25.17 14.39
C ASP A 171 -28.10 -25.09 12.94
N VAL A 172 -27.52 -23.95 12.57
CA VAL A 172 -26.97 -23.78 11.22
C VAL A 172 -25.54 -24.30 11.24
N ARG A 173 -25.25 -25.30 10.41
CA ARG A 173 -23.91 -25.87 10.35
C ARG A 173 -22.96 -25.04 9.52
N ILE A 174 -21.79 -24.74 10.10
CA ILE A 174 -20.76 -23.97 9.41
C ILE A 174 -19.70 -24.96 8.88
N ILE A 175 -19.26 -25.86 9.76
CA ILE A 175 -18.27 -26.86 9.37
C ILE A 175 -18.97 -28.13 8.89
N ARG A 176 -18.69 -28.51 7.64
CA ARG A 176 -19.34 -29.67 7.02
C ARG A 176 -18.54 -30.98 7.02
N ASP A 177 -19.20 -32.06 6.61
CA ASP A 177 -18.57 -33.39 6.58
C ASP A 177 -17.35 -33.51 5.65
N ASP A 178 -17.28 -32.66 4.64
CA ASP A 178 -16.16 -32.69 3.69
C ASP A 178 -15.01 -31.78 4.13
N MET A 179 -15.06 -31.38 5.39
CA MET A 179 -14.04 -30.52 5.99
C MET A 179 -13.40 -31.19 7.23
N LEU A 180 -12.24 -30.69 7.61
CA LEU A 180 -11.47 -31.19 8.75
C LEU A 180 -10.86 -29.94 9.39
N CYS A 181 -10.78 -29.90 10.71
CA CYS A 181 -10.24 -28.76 11.42
C CYS A 181 -8.93 -29.07 12.12
N ALA A 182 -7.98 -28.14 12.07
CA ALA A 182 -6.70 -28.31 12.74
C ALA A 182 -6.07 -26.95 12.94
N GLY A 183 -5.35 -26.80 14.06
CA GLY A 183 -4.67 -25.56 14.35
C GLY A 183 -5.20 -24.91 15.60
N ASN A 184 -4.41 -23.99 16.17
CA ASN A 184 -4.87 -23.26 17.37
C ASN A 184 -4.38 -21.83 17.28
N SER A 185 -4.41 -21.09 18.39
CA SER A 185 -3.98 -19.69 18.32
C SER A 185 -2.48 -19.49 18.27
N GLN A 186 -1.73 -20.59 18.24
CA GLN A 186 -0.27 -20.50 18.17
C GLN A 186 0.28 -21.07 16.86
N ARG A 187 -0.40 -22.08 16.32
CA ARG A 187 0.07 -22.78 15.14
C ARG A 187 -1.04 -22.98 14.13
N ASP A 188 -0.76 -22.61 12.88
CA ASP A 188 -1.78 -22.69 11.86
C ASP A 188 -1.18 -22.44 10.47
N SER A 189 -1.99 -22.68 9.43
CA SER A 189 -1.60 -22.34 8.06
C SER A 189 -2.21 -20.93 7.84
N CYS A 190 -1.99 -20.33 6.67
CA CYS A 190 -2.48 -18.97 6.44
C CYS A 190 -2.60 -18.68 4.94
N GLN A 191 -2.87 -17.43 4.59
CA GLN A 191 -2.96 -17.05 3.19
C GLN A 191 -1.64 -17.45 2.59
N GLY A 192 -1.65 -17.93 1.34
CA GLY A 192 -0.43 -18.38 0.69
C GLY A 192 -0.15 -19.87 0.88
N ASP A 193 -0.80 -20.49 1.86
CA ASP A 193 -0.64 -21.93 2.12
C ASP A 193 -1.76 -22.75 1.48
N SER A 194 -2.79 -22.07 0.96
CA SER A 194 -3.93 -22.76 0.36
C SER A 194 -3.52 -23.79 -0.70
N GLY A 195 -4.25 -24.90 -0.73
CA GLY A 195 -4.00 -25.95 -1.70
C GLY A 195 -2.92 -26.90 -1.24
N GLY A 196 -2.11 -26.49 -0.25
CA GLY A 196 -1.06 -27.34 0.28
C GLY A 196 -1.56 -28.46 1.17
N PRO A 197 -0.66 -29.41 1.52
CA PRO A 197 -1.04 -30.54 2.37
C PRO A 197 -0.98 -30.46 3.92
N LEU A 198 -1.91 -31.16 4.55
CA LEU A 198 -1.94 -31.38 5.99
C LEU A 198 -1.69 -32.90 5.98
N VAL A 199 -0.58 -33.34 6.54
CA VAL A 199 -0.28 -34.78 6.53
C VAL A 199 -0.16 -35.28 7.96
N CYS A 200 -0.63 -36.50 8.21
CA CYS A 200 -0.58 -37.06 9.55
C CYS A 200 0.18 -38.37 9.53
N LYS A 201 0.90 -38.62 10.62
CA LYS A 201 1.70 -39.84 10.76
C LYS A 201 0.77 -40.87 11.39
N VAL A 202 0.25 -41.78 10.57
CA VAL A 202 -0.66 -42.80 11.05
C VAL A 202 0.03 -44.15 11.10
N ASN A 203 0.29 -44.59 12.32
CA ASN A 203 0.95 -45.85 12.59
C ASN A 203 2.11 -46.13 11.61
N GLY A 204 3.10 -45.22 11.63
CA GLY A 204 4.27 -45.37 10.80
C GLY A 204 4.25 -44.77 9.42
N THR A 205 3.07 -44.47 8.87
CA THR A 205 2.96 -43.91 7.51
C THR A 205 2.33 -42.50 7.42
N TRP A 206 2.87 -41.67 6.53
CA TRP A 206 2.34 -40.34 6.31
C TRP A 206 1.18 -40.48 5.35
N LEU A 207 0.07 -39.86 5.73
CA LEU A 207 -1.13 -39.88 4.90
C LEU A 207 -1.59 -38.44 4.77
N GLN A 208 -2.03 -38.05 3.58
CA GLN A 208 -2.50 -36.69 3.44
C GLN A 208 -3.92 -36.62 3.95
N ALA A 209 -4.11 -35.93 5.08
CA ALA A 209 -5.43 -35.79 5.69
C ALA A 209 -6.29 -34.65 5.09
N GLY A 210 -5.64 -33.54 4.74
CA GLY A 210 -6.42 -32.43 4.22
C GLY A 210 -5.66 -31.55 3.24
N VAL A 211 -6.40 -30.58 2.69
CA VAL A 211 -5.90 -29.59 1.74
C VAL A 211 -6.23 -28.25 2.37
N VAL A 212 -5.23 -27.37 2.56
CA VAL A 212 -5.47 -26.06 3.18
C VAL A 212 -6.56 -25.34 2.40
N SER A 213 -7.61 -24.93 3.10
CA SER A 213 -8.74 -24.28 2.44
C SER A 213 -9.08 -22.88 2.92
N TRP A 214 -9.45 -22.76 4.19
CA TRP A 214 -9.84 -21.44 4.70
C TRP A 214 -9.84 -21.38 6.21
N GLY A 215 -10.21 -20.22 6.73
CA GLY A 215 -10.30 -20.02 8.16
C GLY A 215 -10.61 -18.57 8.45
N GLU A 216 -11.00 -18.23 9.68
CA GLU A 216 -11.21 -16.83 9.99
C GLU A 216 -9.89 -16.38 10.55
N GLY A 217 -9.19 -15.51 9.82
CA GLY A 217 -7.87 -15.08 10.26
C GLY A 217 -6.91 -16.26 10.20
N CYS A 218 -5.75 -16.13 10.85
CA CYS A 218 -4.73 -17.18 10.92
C CYS A 218 -4.32 -17.25 12.39
N ALA A 219 -4.40 -18.45 12.96
CA ALA A 219 -4.06 -18.69 14.37
C ALA A 219 -4.92 -17.78 15.27
N GLN A 220 -6.15 -17.50 14.83
CA GLN A 220 -7.06 -16.66 15.60
C GLN A 220 -7.78 -17.51 16.67
N PRO A 221 -7.89 -16.99 17.90
CA PRO A 221 -8.57 -17.73 18.98
C PRO A 221 -9.94 -18.24 18.56
N ASN A 222 -10.21 -19.52 18.87
CA ASN A 222 -11.51 -20.17 18.56
C ASN A 222 -11.82 -20.31 17.08
N ARG A 223 -10.81 -20.18 16.24
CA ARG A 223 -11.04 -20.31 14.80
C ARG A 223 -9.97 -21.22 14.18
N PRO A 224 -10.09 -22.54 14.38
N PRO A 224 -10.07 -22.54 14.40
CA PRO A 224 -9.10 -23.48 13.82
CA PRO A 224 -9.05 -23.44 13.82
C PRO A 224 -9.05 -23.40 12.28
C PRO A 224 -9.04 -23.38 12.28
N GLY A 225 -7.93 -23.78 11.69
CA GLY A 225 -7.82 -23.78 10.24
C GLY A 225 -8.77 -24.87 9.69
N ILE A 226 -9.38 -24.60 8.53
CA ILE A 226 -10.32 -25.54 7.91
C ILE A 226 -9.71 -26.08 6.62
N TYR A 227 -9.74 -27.41 6.51
CA TYR A 227 -9.15 -28.12 5.39
C TYR A 227 -10.20 -28.96 4.68
N THR A 228 -10.00 -29.17 3.38
CA THR A 228 -10.89 -30.05 2.63
C THR A 228 -10.45 -31.45 3.11
N ARG A 229 -11.41 -32.28 3.50
CA ARG A 229 -11.13 -33.63 3.99
C ARG A 229 -10.95 -34.58 2.81
N VAL A 230 -9.70 -35.01 2.63
CA VAL A 230 -9.32 -35.87 1.52
C VAL A 230 -10.12 -37.17 1.37
N THR A 231 -10.36 -37.90 2.47
CA THR A 231 -11.12 -39.15 2.38
C THR A 231 -12.49 -38.92 1.75
N TYR A 232 -13.09 -37.75 1.99
CA TYR A 232 -14.42 -37.46 1.44
C TYR A 232 -14.47 -37.49 -0.11
N TYR A 233 -13.36 -37.13 -0.74
CA TYR A 233 -13.26 -37.05 -2.20
C TYR A 233 -12.40 -38.12 -2.86
N LEU A 234 -12.15 -39.24 -2.18
CA LEU A 234 -11.31 -40.27 -2.77
C LEU A 234 -11.90 -40.79 -4.08
N ASP A 235 -13.21 -41.02 -4.11
CA ASP A 235 -13.81 -41.54 -5.34
C ASP A 235 -13.68 -40.57 -6.51
N TRP A 236 -13.84 -39.27 -6.25
CA TRP A 236 -13.68 -38.28 -7.30
C TRP A 236 -12.22 -38.28 -7.77
N ILE A 237 -11.28 -38.29 -6.83
CA ILE A 237 -9.86 -38.31 -7.16
C ILE A 237 -9.49 -39.55 -7.96
N HIS A 238 -9.97 -40.72 -7.53
CA HIS A 238 -9.67 -41.97 -8.24
C HIS A 238 -10.34 -42.13 -9.61
N HIS A 239 -11.24 -41.21 -9.91
CA HIS A 239 -11.88 -41.22 -11.20
C HIS A 239 -10.88 -40.67 -12.23
N TYR A 240 -9.90 -39.88 -11.77
CA TYR A 240 -8.90 -39.29 -12.66
C TYR A 240 -7.47 -39.78 -12.47
N VAL A 241 -7.09 -39.96 -11.22
CA VAL A 241 -5.74 -40.38 -10.89
C VAL A 241 -5.67 -41.91 -10.83
N PRO A 242 -4.79 -42.50 -11.66
CA PRO A 242 -4.59 -43.95 -11.71
C PRO A 242 -4.10 -44.56 -10.40
N LYS A 243 -4.26 -45.87 -10.34
CA LYS A 243 -3.83 -46.68 -9.21
C LYS A 243 -2.32 -46.89 -9.29
N ILE B 1 19.08 -1.27 -10.77
CA ILE B 1 19.76 -1.02 -12.08
C ILE B 1 18.72 -1.01 -13.21
N VAL B 2 18.72 0.07 -14.00
CA VAL B 2 17.80 0.25 -15.13
C VAL B 2 18.56 -0.06 -16.43
N GLY B 3 18.03 -1.02 -17.20
N GLY B 3 17.94 -0.88 -17.28
CA GLY B 3 18.69 -1.45 -18.42
CA GLY B 3 18.50 -1.20 -18.59
C GLY B 3 19.71 -2.51 -18.01
C GLY B 3 19.74 -2.06 -18.66
N GLY B 4 20.70 -2.76 -18.85
N GLY B 4 19.99 -2.85 -17.63
CA GLY B 4 21.70 -3.74 -18.47
CA GLY B 4 21.18 -3.68 -17.67
C GLY B 4 21.29 -5.20 -18.50
C GLY B 4 20.83 -5.15 -17.73
N GLN B 5 21.85 -5.98 -17.57
CA GLN B 5 21.63 -7.41 -17.55
C GLN B 5 22.13 -8.01 -16.23
N GLU B 6 21.78 -9.26 -15.98
CA GLU B 6 22.25 -9.91 -14.79
C GLU B 6 23.76 -10.11 -14.99
N ALA B 7 24.53 -9.87 -13.93
CA ALA B 7 25.98 -9.98 -13.98
C ALA B 7 26.53 -11.42 -14.02
N PRO B 8 27.63 -11.65 -14.77
CA PRO B 8 28.21 -13.00 -14.81
C PRO B 8 28.72 -13.22 -13.37
N ARG B 9 28.75 -14.46 -12.91
CA ARG B 9 29.19 -14.72 -11.54
C ARG B 9 30.63 -14.29 -11.25
N SER B 10 31.42 -14.18 -12.32
CA SER B 10 32.82 -13.79 -12.19
C SER B 10 33.08 -12.29 -12.08
N LYS B 11 32.06 -11.47 -12.37
CA LYS B 11 32.22 -10.02 -12.34
C LYS B 11 31.86 -9.35 -10.99
N TRP B 12 32.51 -8.22 -10.71
CA TRP B 12 32.25 -7.39 -9.53
C TRP B 12 32.45 -8.13 -8.22
N PRO B 13 33.65 -8.68 -7.99
CA PRO B 13 33.91 -9.42 -6.74
C PRO B 13 33.88 -8.55 -5.48
N TRP B 14 33.79 -7.23 -5.68
CA TRP B 14 33.79 -6.27 -4.57
C TRP B 14 32.40 -5.79 -4.18
N GLN B 15 31.37 -6.19 -4.93
CA GLN B 15 30.01 -5.74 -4.61
C GLN B 15 29.54 -6.29 -3.27
N VAL B 16 28.91 -5.44 -2.46
CA VAL B 16 28.34 -5.91 -1.19
C VAL B 16 26.91 -5.34 -1.03
N SER B 17 26.15 -5.95 -0.14
CA SER B 17 24.80 -5.53 0.15
C SER B 17 24.79 -5.17 1.63
N LEU B 18 24.16 -4.04 1.97
CA LEU B 18 23.99 -3.56 3.33
C LEU B 18 22.57 -3.97 3.72
N ARG B 19 22.46 -4.60 4.89
CA ARG B 19 21.18 -5.11 5.42
C ARG B 19 20.77 -4.45 6.73
N VAL B 20 19.47 -4.22 6.88
CA VAL B 20 18.92 -3.63 8.12
C VAL B 20 17.94 -4.67 8.70
N ARG B 21 17.92 -4.78 10.03
CA ARG B 21 17.03 -5.74 10.69
C ARG B 21 15.56 -5.26 10.65
N ASP B 22 14.73 -5.93 9.85
CA ASP B 22 13.30 -5.59 9.70
C ASP B 22 12.45 -6.83 9.28
N ARG B 23 12.20 -7.74 10.23
CA ARG B 23 11.47 -9.02 10.00
C ARG B 23 12.43 -10.03 9.35
N TYR B 24 13.34 -9.50 8.52
CA TYR B 24 14.44 -10.27 7.91
C TYR B 24 15.58 -9.25 7.71
N TRP B 25 16.77 -9.71 7.32
CA TRP B 25 17.91 -8.81 7.08
C TRP B 25 17.75 -8.26 5.67
N MET B 26 17.00 -7.17 5.59
CA MET B 26 16.63 -6.53 4.33
C MET B 26 17.65 -5.60 3.72
N HIS B 27 17.87 -5.79 2.41
CA HIS B 27 18.79 -4.99 1.64
C HIS B 27 18.28 -3.55 1.57
N PHE B 28 19.14 -2.56 1.86
CA PHE B 28 18.71 -1.17 1.73
C PHE B 28 19.67 -0.35 0.86
N CYS B 29 20.88 -0.87 0.65
CA CYS B 29 21.90 -0.17 -0.13
C CYS B 29 23.02 -1.12 -0.53
N GLY B 30 23.84 -0.67 -1.47
CA GLY B 30 25.01 -1.44 -1.84
C GLY B 30 26.24 -0.79 -1.20
N GLY B 31 27.41 -1.37 -1.50
CA GLY B 31 28.67 -0.86 -1.01
C GLY B 31 29.74 -1.57 -1.83
N SER B 32 31.01 -1.30 -1.55
CA SER B 32 32.11 -1.98 -2.24
C SER B 32 33.21 -2.30 -1.23
N LEU B 33 33.85 -3.46 -1.42
CA LEU B 33 34.94 -3.86 -0.54
C LEU B 33 36.17 -3.14 -1.04
N ILE B 34 36.71 -2.20 -0.29
CA ILE B 34 37.88 -1.46 -0.74
C ILE B 34 39.15 -1.85 0.05
N HIS B 35 38.98 -2.73 1.03
CA HIS B 35 40.07 -3.24 1.85
C HIS B 35 39.46 -4.50 2.49
N PRO B 36 40.27 -5.52 2.83
CA PRO B 36 39.70 -6.74 3.44
C PRO B 36 38.81 -6.50 4.63
N GLN B 37 38.94 -5.35 5.26
CA GLN B 37 38.12 -5.03 6.42
C GLN B 37 37.28 -3.76 6.33
N TRP B 38 37.18 -3.16 5.15
CA TRP B 38 36.43 -1.91 5.00
C TRP B 38 35.53 -1.86 3.78
N VAL B 39 34.31 -1.39 3.98
CA VAL B 39 33.33 -1.26 2.91
C VAL B 39 33.10 0.24 2.68
N LEU B 40 33.03 0.64 1.41
CA LEU B 40 32.77 2.03 1.05
C LEU B 40 31.32 2.11 0.64
N THR B 41 30.61 3.13 1.12
CA THR B 41 29.21 3.29 0.77
C THR B 41 28.82 4.77 0.77
N ALA B 42 27.52 5.07 0.68
CA ALA B 42 27.05 6.46 0.71
C ALA B 42 26.63 6.83 2.12
N ALA B 43 26.90 8.08 2.51
CA ALA B 43 26.53 8.57 3.84
C ALA B 43 25.01 8.49 4.04
N HIS B 44 24.24 8.80 3.00
CA HIS B 44 22.79 8.79 3.18
C HIS B 44 22.20 7.40 3.44
N CYS B 45 22.97 6.36 3.12
CA CYS B 45 22.52 4.99 3.37
C CYS B 45 22.44 4.71 4.86
N VAL B 46 23.37 5.30 5.61
N VAL B 46 23.37 5.28 5.62
CA VAL B 46 23.43 5.10 7.05
CA VAL B 46 23.41 5.05 7.06
C VAL B 46 22.97 6.32 7.85
C VAL B 46 23.01 6.25 7.93
N GLY B 47 22.03 7.06 7.27
N GLY B 47 23.35 7.45 7.46
CA GLY B 47 21.45 8.23 7.92
CA GLY B 47 23.01 8.65 8.20
C GLY B 47 19.97 7.96 8.09
C GLY B 47 21.91 9.47 7.57
N PRO B 48 19.18 8.94 8.60
N PRO B 48 21.77 10.75 7.96
CA PRO B 48 19.62 10.26 8.99
CA PRO B 48 22.60 11.43 8.96
C PRO B 48 20.29 10.39 10.35
C PRO B 48 22.44 10.94 10.40
N ASP B 49 20.08 9.40 11.23
N ASP B 49 21.37 10.21 10.68
CA ASP B 49 20.64 9.47 12.57
CA ASP B 49 21.09 9.68 12.02
C ASP B 49 21.73 8.42 12.77
C ASP B 49 22.06 8.57 12.41
N VAL B 50 22.55 8.63 13.80
N VAL B 50 22.65 8.69 13.60
CA VAL B 50 23.61 7.67 14.12
CA VAL B 50 23.59 7.67 14.08
C VAL B 50 22.86 6.36 14.40
C VAL B 50 22.82 6.38 14.34
N LYS B 51 23.25 5.29 13.71
CA LYS B 51 22.60 3.98 13.82
C LYS B 51 23.12 3.06 14.91
N ASP B 52 22.22 2.24 15.47
CA ASP B 52 22.61 1.23 16.45
C ASP B 52 23.21 0.14 15.55
N LEU B 53 24.49 -0.14 15.74
CA LEU B 53 25.19 -1.10 14.93
C LEU B 53 24.60 -2.50 14.96
N ALA B 54 23.88 -2.85 16.02
CA ALA B 54 23.27 -4.16 16.14
C ALA B 54 22.21 -4.37 15.03
N THR B 55 21.73 -3.26 14.46
CA THR B 55 20.68 -3.36 13.43
C THR B 55 21.18 -3.47 11.98
N LEU B 56 22.50 -3.53 11.80
CA LEU B 56 23.11 -3.59 10.47
C LEU B 56 24.01 -4.82 10.21
N ARG B 57 24.04 -5.27 8.95
CA ARG B 57 24.90 -6.37 8.55
C ARG B 57 25.40 -6.12 7.13
N VAL B 58 26.54 -6.71 6.82
CA VAL B 58 27.09 -6.61 5.47
C VAL B 58 27.11 -8.04 4.89
N GLN B 59 26.78 -8.12 3.61
CA GLN B 59 26.78 -9.37 2.85
C GLN B 59 27.73 -9.17 1.68
N LEU B 60 28.74 -10.04 1.58
CA LEU B 60 29.71 -9.95 0.51
C LEU B 60 29.05 -10.41 -0.79
N ARG B 61 29.78 -10.41 -1.89
CA ARG B 61 29.16 -10.77 -3.16
C ARG B 61 28.37 -12.06 -3.22
N GLU B 62 27.14 -11.96 -3.71
CA GLU B 62 26.32 -13.14 -3.91
C GLU B 62 25.55 -12.85 -5.20
N GLN B 63 25.43 -13.88 -6.03
CA GLN B 63 24.74 -13.76 -7.29
C GLN B 63 23.25 -13.40 -7.10
N HIS B 64 22.62 -14.01 -6.11
CA HIS B 64 21.20 -13.75 -5.82
C HIS B 64 21.04 -13.30 -4.38
N LEU B 65 20.41 -12.15 -4.20
CA LEU B 65 20.20 -11.58 -2.88
C LEU B 65 19.38 -12.53 -1.95
N TYR B 66 19.82 -12.66 -0.69
CA TYR B 66 19.15 -13.46 0.36
C TYR B 66 19.33 -14.95 0.37
N TYR B 67 19.72 -15.52 -0.77
CA TYR B 67 19.85 -16.96 -0.86
C TYR B 67 20.98 -17.73 -0.24
C TYR B 67 21.37 -17.16 -0.61
N GLN B 68 22.18 -17.15 -0.20
N GLN B 68 21.71 -17.92 0.43
CA GLN B 68 23.27 -17.87 0.42
CA GLN B 68 23.11 -18.22 0.76
C GLN B 68 23.92 -16.84 1.31
C GLN B 68 23.85 -17.13 1.53
N ASP B 69 23.10 -16.25 2.17
CA ASP B 69 23.64 -15.19 3.03
C ASP B 69 24.62 -15.73 4.06
N GLN B 70 25.66 -14.94 4.33
CA GLN B 70 26.66 -15.22 5.35
C GLN B 70 26.88 -13.80 5.88
N LEU B 71 25.96 -13.33 6.71
CA LEU B 71 26.02 -11.95 7.19
C LEU B 71 27.15 -11.60 8.13
N LEU B 72 27.70 -10.40 7.94
CA LEU B 72 28.83 -9.94 8.72
C LEU B 72 28.51 -8.70 9.53
N PRO B 73 28.80 -8.72 10.84
CA PRO B 73 28.53 -7.54 11.68
C PRO B 73 29.59 -6.46 11.39
N VAL B 74 29.21 -5.23 11.74
CA VAL B 74 30.02 -4.04 11.54
C VAL B 74 30.56 -3.55 12.90
N SER B 75 31.85 -3.19 12.89
CA SER B 75 32.53 -2.74 14.08
C SER B 75 32.42 -1.23 14.24
N ARG B 76 32.44 -0.51 13.12
CA ARG B 76 32.37 0.94 13.19
C ARG B 76 31.80 1.53 11.91
N ILE B 77 31.11 2.67 12.06
CA ILE B 77 30.53 3.40 10.92
C ILE B 77 31.15 4.79 10.95
N ILE B 78 31.77 5.22 9.84
CA ILE B 78 32.34 6.55 9.80
C ILE B 78 31.72 7.27 8.62
N VAL B 79 30.97 8.33 8.93
CA VAL B 79 30.28 9.13 7.93
C VAL B 79 31.01 10.49 7.75
N HIS B 80 31.18 10.92 6.51
CA HIS B 80 31.88 12.17 6.30
C HIS B 80 31.16 13.25 7.10
N PRO B 81 31.91 14.00 7.95
CA PRO B 81 31.31 15.07 8.78
C PRO B 81 30.64 16.22 8.04
N GLN B 82 30.96 16.40 6.75
CA GLN B 82 30.37 17.46 5.94
C GLN B 82 28.96 17.07 5.48
N PHE B 83 28.63 15.79 5.58
CA PHE B 83 27.31 15.33 5.18
C PHE B 83 26.21 15.72 6.17
N TYR B 84 25.07 16.18 5.66
CA TYR B 84 23.93 16.45 6.55
C TYR B 84 22.61 16.18 5.88
N ILE B 85 21.57 16.14 6.70
CA ILE B 85 20.19 15.85 6.31
C ILE B 85 19.67 16.74 5.14
N ILE B 86 18.98 16.11 4.19
CA ILE B 86 18.45 16.81 3.02
C ILE B 86 19.43 17.81 2.30
N GLN B 87 20.46 17.23 1.69
CA GLN B 87 21.48 17.92 0.90
C GLN B 87 22.32 16.74 0.39
N THR B 88 22.95 16.89 -0.78
CA THR B 88 23.68 15.76 -1.39
C THR B 88 25.21 15.76 -1.44
N GLY B 89 25.86 16.79 -0.92
CA GLY B 89 27.32 16.78 -0.94
C GLY B 89 27.87 15.84 0.11
N ALA B 90 29.14 15.48 -0.02
CA ALA B 90 29.83 14.63 0.93
C ALA B 90 29.04 13.36 1.25
N ASP B 91 28.48 12.75 0.21
CA ASP B 91 27.67 11.56 0.40
C ASP B 91 28.57 10.34 0.34
N ILE B 92 29.30 10.12 1.43
CA ILE B 92 30.26 9.01 1.50
C ILE B 92 30.44 8.55 2.96
N ALA B 93 30.61 7.25 3.14
CA ALA B 93 30.74 6.69 4.49
C ALA B 93 31.57 5.44 4.38
N LEU B 94 32.14 5.03 5.52
CA LEU B 94 32.94 3.82 5.59
C LEU B 94 32.38 2.90 6.68
N LEU B 95 32.44 1.59 6.44
CA LEU B 95 32.01 0.61 7.41
C LEU B 95 33.23 -0.30 7.68
N GLU B 96 33.65 -0.37 8.94
CA GLU B 96 34.76 -1.27 9.28
C GLU B 96 34.14 -2.56 9.77
N LEU B 97 34.51 -3.70 9.14
CA LEU B 97 33.97 -5.01 9.53
C LEU B 97 34.61 -5.49 10.86
N GLU B 98 33.91 -6.36 11.59
CA GLU B 98 34.44 -6.85 12.86
C GLU B 98 35.72 -7.63 12.57
N GLU B 99 35.75 -8.22 11.38
CA GLU B 99 36.85 -9.09 10.96
C GLU B 99 37.28 -8.91 9.49
N PRO B 100 38.55 -9.18 9.15
CA PRO B 100 39.00 -9.05 7.73
C PRO B 100 38.35 -10.19 6.94
N VAL B 101 37.94 -9.96 5.69
CA VAL B 101 37.34 -11.06 4.96
C VAL B 101 38.42 -11.85 4.17
N ASN B 102 38.13 -13.11 3.85
CA ASN B 102 39.08 -13.90 3.04
C ASN B 102 39.00 -13.35 1.62
N ILE B 103 40.16 -13.22 0.99
CA ILE B 103 40.26 -12.69 -0.35
C ILE B 103 40.46 -13.80 -1.39
N SER B 104 39.60 -13.82 -2.40
CA SER B 104 39.70 -14.83 -3.43
C SER B 104 39.43 -14.20 -4.79
N SER B 105 39.33 -15.05 -5.80
CA SER B 105 39.05 -14.54 -7.13
C SER B 105 37.57 -14.11 -7.20
N ARG B 106 36.70 -14.76 -6.41
CA ARG B 106 35.28 -14.46 -6.43
C ARG B 106 34.89 -13.32 -5.48
N VAL B 107 35.71 -13.09 -4.45
CA VAL B 107 35.48 -12.00 -3.50
C VAL B 107 36.78 -11.26 -3.19
N HIS B 108 36.91 -10.03 -3.69
CA HIS B 108 38.10 -9.26 -3.40
C HIS B 108 37.84 -7.77 -3.57
N THR B 109 38.82 -6.95 -3.21
CA THR B 109 38.69 -5.50 -3.26
C THR B 109 38.79 -4.86 -4.66
N VAL B 110 38.22 -3.66 -4.77
CA VAL B 110 38.29 -2.89 -6.00
C VAL B 110 39.34 -1.83 -5.67
N MET B 111 40.12 -1.44 -6.66
N MET B 111 40.12 -1.43 -6.67
CA MET B 111 41.16 -0.43 -6.47
CA MET B 111 41.16 -0.41 -6.53
C MET B 111 40.55 0.97 -6.56
C MET B 111 40.52 0.98 -6.55
N LEU B 112 41.03 1.88 -5.71
CA LEU B 112 40.54 3.24 -5.70
C LEU B 112 41.35 3.96 -6.79
N PRO B 113 40.82 5.06 -7.32
CA PRO B 113 41.57 5.77 -8.36
C PRO B 113 42.67 6.71 -7.87
N PRO B 114 43.68 6.99 -8.72
CA PRO B 114 44.72 7.91 -8.29
C PRO B 114 44.03 9.30 -8.29
N ALA B 115 44.54 10.24 -7.50
CA ALA B 115 43.95 11.56 -7.42
C ALA B 115 43.85 12.28 -8.77
N SER B 116 44.71 11.92 -9.72
CA SER B 116 44.71 12.57 -11.04
C SER B 116 43.67 12.07 -12.04
N GLU B 117 42.99 10.97 -11.70
CA GLU B 117 42.02 10.40 -12.64
C GLU B 117 40.70 11.15 -12.60
N THR B 118 40.38 11.78 -13.72
CA THR B 118 39.16 12.56 -13.82
C THR B 118 37.96 11.82 -14.41
N PHE B 119 38.20 10.63 -14.96
CA PHE B 119 37.12 9.81 -15.59
C PHE B 119 36.32 10.66 -16.58
N PRO B 120 36.98 11.12 -17.65
CA PRO B 120 36.31 11.96 -18.65
C PRO B 120 35.33 11.23 -19.56
N PRO B 121 34.46 11.98 -20.23
CA PRO B 121 33.50 11.36 -21.12
C PRO B 121 34.22 10.39 -22.07
N GLY B 122 33.60 9.25 -22.33
CA GLY B 122 34.17 8.26 -23.24
C GLY B 122 34.74 7.08 -22.50
N MET B 123 35.02 7.25 -21.21
CA MET B 123 35.54 6.15 -20.41
C MET B 123 34.46 5.08 -20.26
N PRO B 124 34.85 3.79 -20.40
CA PRO B 124 33.89 2.68 -20.26
C PRO B 124 33.66 2.37 -18.77
N CYS B 125 32.44 2.60 -18.29
CA CYS B 125 32.11 2.40 -16.88
C CYS B 125 30.82 1.61 -16.69
N TRP B 126 30.74 0.89 -15.57
N TRP B 126 30.75 0.89 -15.57
CA TRP B 126 29.58 0.08 -15.24
CA TRP B 126 29.60 0.07 -15.21
C TRP B 126 29.18 0.36 -13.80
C TRP B 126 29.17 0.38 -13.79
N VAL B 127 27.87 0.36 -13.55
CA VAL B 127 27.33 0.56 -12.20
C VAL B 127 26.61 -0.77 -11.97
N THR B 128 26.68 -1.26 -10.74
CA THR B 128 26.09 -2.56 -10.38
C THR B 128 25.26 -2.54 -9.10
N GLY B 129 24.29 -3.44 -8.99
CA GLY B 129 23.48 -3.47 -7.79
C GLY B 129 22.19 -4.27 -7.89
N TRP B 130 21.48 -4.30 -6.77
CA TRP B 130 20.23 -5.04 -6.66
C TRP B 130 19.02 -4.11 -6.57
N GLY B 131 19.17 -2.86 -7.00
CA GLY B 131 18.07 -1.91 -6.91
C GLY B 131 17.00 -2.05 -7.98
N ASP B 132 16.05 -1.10 -7.95
CA ASP B 132 14.91 -1.06 -8.86
C ASP B 132 15.35 -1.07 -10.30
N VAL B 133 14.57 -1.77 -11.12
CA VAL B 133 14.86 -1.90 -12.53
C VAL B 133 14.16 -0.81 -13.33
N ASP B 134 13.39 0.02 -12.64
CA ASP B 134 12.73 1.16 -13.24
C ASP B 134 12.12 1.95 -12.09
N ASN B 135 11.61 3.15 -12.35
CA ASN B 135 11.01 3.94 -11.28
C ASN B 135 9.94 3.15 -10.57
N ASP B 136 10.07 3.03 -9.24
CA ASP B 136 9.10 2.30 -8.41
C ASP B 136 8.84 0.87 -8.87
N GLU B 137 9.84 0.27 -9.52
CA GLU B 137 9.73 -1.10 -10.04
C GLU B 137 10.88 -1.88 -9.43
N PRO B 138 10.61 -2.65 -8.38
CA PRO B 138 11.66 -3.42 -7.73
C PRO B 138 12.19 -4.61 -8.51
N LEU B 139 13.42 -5.02 -8.18
CA LEU B 139 14.05 -6.18 -8.81
C LEU B 139 13.24 -7.41 -8.33
N PRO B 140 12.77 -8.24 -9.27
CA PRO B 140 12.00 -9.41 -8.83
C PRO B 140 12.83 -10.56 -8.32
N PRO B 141 12.21 -11.47 -7.55
CA PRO B 141 12.94 -12.64 -7.06
C PRO B 141 13.34 -13.36 -8.37
N PRO B 142 14.47 -14.10 -8.39
CA PRO B 142 15.39 -14.38 -7.29
C PRO B 142 16.43 -13.31 -7.02
N PHE B 143 16.14 -12.06 -7.40
CA PHE B 143 17.06 -10.94 -7.10
C PHE B 143 18.51 -11.06 -7.62
N PRO B 144 18.69 -11.22 -8.95
CA PRO B 144 20.05 -11.33 -9.49
C PRO B 144 20.82 -10.00 -9.39
N LEU B 145 22.14 -10.07 -9.16
CA LEU B 145 22.92 -8.83 -9.16
C LEU B 145 22.92 -8.36 -10.63
N LYS B 146 22.64 -7.08 -10.85
CA LYS B 146 22.60 -6.54 -12.19
C LYS B 146 23.75 -5.58 -12.44
N GLN B 147 24.02 -5.33 -13.73
CA GLN B 147 25.07 -4.40 -14.17
C GLN B 147 24.56 -3.66 -15.40
N VAL B 148 25.06 -2.46 -15.64
CA VAL B 148 24.72 -1.71 -16.84
C VAL B 148 25.87 -0.75 -17.13
N LYS B 149 26.20 -0.61 -18.40
CA LYS B 149 27.28 0.27 -18.85
C LYS B 149 26.66 1.65 -18.95
N VAL B 150 27.29 2.64 -18.36
CA VAL B 150 26.74 3.99 -18.39
C VAL B 150 27.75 5.00 -18.90
N PRO B 151 27.30 5.90 -19.79
CA PRO B 151 28.23 6.91 -20.33
C PRO B 151 28.45 8.06 -19.36
N ILE B 152 29.71 8.47 -19.23
CA ILE B 152 30.08 9.59 -18.37
C ILE B 152 29.70 10.91 -19.08
N MET B 153 29.15 11.87 -18.33
CA MET B 153 28.84 13.17 -18.87
C MET B 153 29.73 14.14 -18.08
N GLU B 154 30.50 15.00 -18.77
CA GLU B 154 31.38 15.96 -18.11
C GLU B 154 30.54 16.80 -17.11
N ASN B 155 31.10 17.12 -15.93
CA ASN B 155 30.34 17.85 -14.90
C ASN B 155 29.57 19.11 -15.31
N HIS B 156 30.19 19.98 -16.12
CA HIS B 156 29.54 21.21 -16.54
C HIS B 156 28.37 20.97 -17.46
N ILE B 157 28.53 20.01 -18.35
CA ILE B 157 27.48 19.64 -19.31
C ILE B 157 26.30 19.10 -18.49
N CYS B 158 26.65 18.27 -17.52
CA CYS B 158 25.68 17.65 -16.62
C CYS B 158 24.90 18.71 -15.82
N ASP B 159 25.63 19.66 -15.25
CA ASP B 159 25.03 20.74 -14.47
C ASP B 159 24.05 21.48 -15.37
N ALA B 160 24.45 21.77 -16.61
CA ALA B 160 23.58 22.46 -17.57
C ALA B 160 22.34 21.62 -17.85
N LYS B 161 22.50 20.31 -18.00
CA LYS B 161 21.34 19.38 -18.21
C LYS B 161 20.35 19.50 -17.06
N TYR B 162 20.85 19.50 -15.83
CA TYR B 162 19.96 19.59 -14.68
C TYR B 162 19.25 20.94 -14.57
N HIS B 163 19.67 21.91 -15.38
CA HIS B 163 19.02 23.21 -15.40
C HIS B 163 17.89 23.22 -16.45
N LEU B 164 17.96 22.31 -17.42
CA LEU B 164 16.92 22.19 -18.45
C LEU B 164 15.60 21.78 -17.82
N GLY B 165 14.57 22.60 -17.98
CA GLY B 165 13.27 22.27 -17.42
C GLY B 165 13.18 22.51 -15.93
N ALA B 166 14.14 23.24 -15.38
CA ALA B 166 14.18 23.53 -13.94
C ALA B 166 14.07 25.05 -13.69
N TYR B 167 13.71 25.44 -12.48
CA TYR B 167 13.57 26.85 -12.12
C TYR B 167 14.88 27.47 -11.64
N THR B 168 15.89 26.64 -11.39
CA THR B 168 17.18 27.11 -10.86
C THR B 168 17.96 28.09 -11.73
N GLY B 169 18.51 29.14 -11.12
CA GLY B 169 19.28 30.12 -11.87
C GLY B 169 20.44 29.47 -12.58
N ASP B 170 20.69 29.84 -13.84
CA ASP B 170 21.79 29.25 -14.61
C ASP B 170 23.13 29.36 -13.90
N ASP B 171 23.30 30.40 -13.10
CA ASP B 171 24.55 30.60 -12.41
C ASP B 171 24.58 29.94 -11.04
N VAL B 172 23.52 29.19 -10.72
CA VAL B 172 23.46 28.46 -9.45
C VAL B 172 23.90 27.04 -9.81
N ARG B 173 24.98 26.57 -9.19
CA ARG B 173 25.51 25.25 -9.49
C ARG B 173 24.81 24.09 -8.76
N ILE B 174 24.22 23.18 -9.53
CA ILE B 174 23.53 22.04 -8.96
C ILE B 174 24.54 20.89 -8.77
N ILE B 175 25.28 20.58 -9.84
CA ILE B 175 26.26 19.51 -9.78
C ILE B 175 27.60 20.08 -9.35
N ARG B 176 28.12 19.57 -8.23
CA ARG B 176 29.37 20.07 -7.70
C ARG B 176 30.60 19.22 -8.06
N ASP B 177 31.75 19.77 -7.72
CA ASP B 177 33.04 19.14 -8.01
C ASP B 177 33.29 17.82 -7.28
N ASP B 178 32.59 17.56 -6.19
CA ASP B 178 32.76 16.28 -5.49
C ASP B 178 31.73 15.27 -6.02
N MET B 179 31.15 15.59 -7.18
CA MET B 179 30.17 14.73 -7.85
C MET B 179 30.65 14.33 -9.25
N LEU B 180 30.07 13.26 -9.78
CA LEU B 180 30.41 12.74 -11.10
C LEU B 180 29.08 12.31 -11.74
N CYS B 181 28.91 12.54 -13.04
CA CYS B 181 27.67 12.18 -13.72
C CYS B 181 27.82 11.04 -14.71
N ALA B 182 26.87 10.11 -14.71
CA ALA B 182 26.92 8.99 -15.66
C ALA B 182 25.52 8.44 -15.89
N GLY B 183 25.27 7.94 -17.10
CA GLY B 183 23.98 7.35 -17.43
C GLY B 183 23.16 8.15 -18.41
N ASN B 184 22.12 7.53 -18.97
CA ASN B 184 21.23 8.24 -19.88
C ASN B 184 19.79 7.74 -19.70
N SER B 185 18.90 8.10 -20.63
CA SER B 185 17.50 7.70 -20.52
C SER B 185 17.27 6.20 -20.72
N GLN B 186 18.33 5.47 -21.08
CA GLN B 186 18.19 4.03 -21.22
C GLN B 186 19.03 3.24 -20.18
N ARG B 187 20.08 3.82 -19.60
CA ARG B 187 20.95 3.10 -18.67
C ARG B 187 21.20 3.94 -17.42
N ASP B 188 20.99 3.36 -16.24
CA ASP B 188 21.17 4.13 -15.01
C ASP B 188 21.07 3.25 -13.75
N SER B 189 21.45 3.83 -12.62
CA SER B 189 21.30 3.16 -11.33
C SER B 189 19.96 3.73 -10.80
N CYS B 190 19.48 3.24 -9.67
CA CYS B 190 18.18 3.69 -9.17
C CYS B 190 18.09 3.42 -7.67
N GLN B 191 16.90 3.64 -7.10
CA GLN B 191 16.66 3.36 -5.67
C GLN B 191 17.04 1.89 -5.43
N GLY B 192 17.71 1.64 -4.31
CA GLY B 192 18.16 0.28 -3.98
C GLY B 192 19.62 0.07 -4.37
N ASP B 193 20.11 0.91 -5.28
CA ASP B 193 21.50 0.84 -5.75
C ASP B 193 22.43 1.78 -4.99
N SER B 194 21.88 2.71 -4.20
CA SER B 194 22.70 3.67 -3.46
C SER B 194 23.84 3.05 -2.65
N GLY B 195 24.97 3.74 -2.61
CA GLY B 195 26.14 3.29 -1.89
C GLY B 195 27.01 2.31 -2.70
N GLY B 196 26.43 1.69 -3.74
CA GLY B 196 27.16 0.76 -4.57
C GLY B 196 28.18 1.44 -5.47
N PRO B 197 29.01 0.65 -6.15
CA PRO B 197 30.05 1.19 -7.02
C PRO B 197 29.80 1.51 -8.49
N LEU B 198 30.44 2.58 -8.95
CA LEU B 198 30.49 2.93 -10.36
C LEU B 198 31.98 2.65 -10.62
N VAL B 199 32.30 1.67 -11.46
CA VAL B 199 33.70 1.37 -11.74
C VAL B 199 34.00 1.55 -13.23
N CYS B 200 35.20 2.07 -13.53
CA CYS B 200 35.63 2.29 -14.91
C CYS B 200 36.91 1.53 -15.19
N LYS B 201 37.05 0.97 -16.40
CA LYS B 201 38.23 0.20 -16.80
C LYS B 201 39.23 1.22 -17.40
N VAL B 202 40.39 1.34 -16.76
CA VAL B 202 41.40 2.30 -17.21
C VAL B 202 42.71 1.54 -17.48
N ASN B 203 43.14 1.57 -18.73
CA ASN B 203 44.34 0.85 -19.11
C ASN B 203 44.30 -0.56 -18.55
N GLY B 204 43.17 -1.23 -18.78
CA GLY B 204 42.99 -2.60 -18.35
C GLY B 204 42.76 -2.87 -16.88
N THR B 205 42.62 -1.84 -16.07
CA THR B 205 42.40 -2.03 -14.64
C THR B 205 41.12 -1.38 -14.17
N TRP B 206 40.40 -2.06 -13.28
CA TRP B 206 39.15 -1.48 -12.77
C TRP B 206 39.45 -0.53 -11.62
N LEU B 207 38.83 0.63 -11.65
CA LEU B 207 39.02 1.64 -10.60
C LEU B 207 37.64 2.12 -10.19
N GLN B 208 37.41 2.36 -8.90
CA GLN B 208 36.12 2.86 -8.48
C GLN B 208 36.07 4.38 -8.62
N ALA B 209 35.29 4.84 -9.59
CA ALA B 209 35.14 6.26 -9.87
C ALA B 209 34.09 6.95 -9.00
N GLY B 210 32.99 6.25 -8.72
CA GLY B 210 31.92 6.87 -7.96
C GLY B 210 31.14 5.95 -7.04
N VAL B 211 30.29 6.57 -6.22
CA VAL B 211 29.40 5.88 -5.27
C VAL B 211 28.00 6.33 -5.66
N VAL B 212 27.09 5.38 -5.90
CA VAL B 212 25.71 5.75 -6.29
C VAL B 212 25.16 6.65 -5.21
N SER B 213 24.72 7.84 -5.61
CA SER B 213 24.22 8.84 -4.67
C SER B 213 22.78 9.29 -4.89
N TRP B 214 22.52 9.99 -6.00
CA TRP B 214 21.16 10.47 -6.27
C TRP B 214 20.91 10.75 -7.75
N GLY B 215 19.71 11.26 -8.05
CA GLY B 215 19.36 11.64 -9.40
C GLY B 215 17.89 12.02 -9.40
N GLU B 216 17.40 12.65 -10.46
CA GLU B 216 15.98 12.95 -10.51
C GLU B 216 15.41 11.76 -11.31
N GLY B 217 14.58 10.94 -10.66
CA GLY B 217 14.02 9.77 -11.32
C GLY B 217 15.17 8.78 -11.60
N CYS B 218 14.88 7.79 -12.44
CA CYS B 218 15.88 6.80 -12.84
C CYS B 218 15.80 6.75 -14.35
N ALA B 219 16.95 6.90 -15.00
CA ALA B 219 17.05 6.91 -16.46
C ALA B 219 16.06 7.95 -17.07
N GLN B 220 15.90 9.09 -16.40
CA GLN B 220 15.01 10.15 -16.86
C GLN B 220 15.73 11.09 -17.83
N PRO B 221 15.06 11.47 -18.93
CA PRO B 221 15.68 12.39 -19.92
C PRO B 221 16.28 13.64 -19.27
N ASN B 222 17.51 13.98 -19.68
CA ASN B 222 18.24 15.16 -19.19
C ASN B 222 18.55 15.15 -17.70
N ARG B 223 18.58 13.95 -17.11
CA ARG B 223 18.88 13.81 -15.70
C ARG B 223 19.78 12.62 -15.45
N PRO B 224 21.08 12.73 -15.80
N PRO B 224 21.07 12.72 -15.82
CA PRO B 224 22.04 11.63 -15.59
CA PRO B 224 21.99 11.59 -15.60
C PRO B 224 22.13 11.24 -14.10
C PRO B 224 22.11 11.23 -14.11
N GLY B 225 22.56 10.01 -13.83
CA GLY B 225 22.72 9.59 -12.45
C GLY B 225 23.89 10.39 -11.84
N ILE B 226 23.77 10.73 -10.55
CA ILE B 226 24.82 11.50 -9.87
C ILE B 226 25.49 10.64 -8.79
N TYR B 227 26.82 10.62 -8.85
CA TYR B 227 27.66 9.81 -7.99
C TYR B 227 28.61 10.66 -7.18
N THR B 228 28.97 10.18 -6.01
CA THR B 228 29.96 10.87 -5.21
C THR B 228 31.29 10.55 -5.93
N ARG B 229 32.09 11.59 -6.20
CA ARG B 229 33.38 11.43 -6.89
C ARG B 229 34.43 10.96 -5.90
N VAL B 230 34.83 9.70 -6.01
CA VAL B 230 35.77 9.11 -5.05
C VAL B 230 37.09 9.85 -4.91
N THR B 231 37.70 10.28 -6.01
CA THR B 231 38.99 10.98 -5.92
C THR B 231 38.91 12.19 -5.01
N TYR B 232 37.74 12.80 -4.93
CA TYR B 232 37.61 13.99 -4.09
C TYR B 232 37.78 13.71 -2.61
N TYR B 233 37.54 12.47 -2.20
CA TYR B 233 37.59 12.08 -0.79
C TYR B 233 38.70 11.09 -0.43
N LEU B 234 39.70 10.94 -1.30
CA LEU B 234 40.80 10.02 -1.02
C LEU B 234 41.53 10.33 0.31
N ASP B 235 41.80 11.61 0.60
CA ASP B 235 42.51 11.91 1.85
C ASP B 235 41.70 11.44 3.04
N TRP B 236 40.41 11.76 3.03
CA TRP B 236 39.50 11.35 4.10
C TRP B 236 39.47 9.82 4.20
N ILE B 237 39.29 9.12 3.08
CA ILE B 237 39.29 7.66 3.12
C ILE B 237 40.61 7.12 3.69
N HIS B 238 41.72 7.74 3.29
CA HIS B 238 43.06 7.35 3.72
C HIS B 238 43.37 7.62 5.19
N HIS B 239 42.48 8.34 5.86
N HIS B 239 42.50 8.35 5.85
CA HIS B 239 42.67 8.64 7.27
CA HIS B 239 42.69 8.63 7.27
C HIS B 239 42.25 7.41 8.06
C HIS B 239 42.27 7.39 8.05
N TYR B 240 41.42 6.57 7.45
CA TYR B 240 40.92 5.38 8.11
C TYR B 240 41.30 4.06 7.51
N VAL B 241 41.41 4.01 6.19
CA VAL B 241 41.70 2.75 5.52
C VAL B 241 43.17 2.65 5.08
N PRO B 242 43.87 1.63 5.57
CA PRO B 242 45.28 1.41 5.23
C PRO B 242 45.53 1.25 3.70
N LYS B 243 46.58 1.89 3.17
CA LYS B 243 46.89 1.76 1.75
C LYS B 243 47.42 0.34 1.47
N ILE C 1 -0.96 19.03 10.11
CA ILE C 1 -0.79 19.67 11.46
C ILE C 1 -0.88 18.61 12.55
N VAL C 2 0.17 18.54 13.37
CA VAL C 2 0.23 17.56 14.45
C VAL C 2 -0.03 18.25 15.78
N GLY C 3 -0.95 17.69 16.56
CA GLY C 3 -1.24 18.26 17.86
C GLY C 3 -2.15 19.49 17.93
N GLY C 4 -2.85 19.81 16.87
CA GLY C 4 -3.71 20.98 16.96
C GLY C 4 -5.19 20.68 17.06
N GLN C 5 -5.99 21.65 16.65
CA GLN C 5 -7.45 21.50 16.65
C GLN C 5 -7.97 22.11 15.33
N GLU C 6 -9.23 21.82 15.00
N GLU C 6 -9.23 21.82 15.00
CA GLU C 6 -9.83 22.38 13.80
CA GLU C 6 -9.81 22.38 13.80
C GLU C 6 -9.88 23.90 14.01
C GLU C 6 -9.92 23.89 14.00
N ALA C 7 -9.60 24.66 12.96
CA ALA C 7 -9.64 26.13 13.06
C ALA C 7 -11.04 26.72 12.95
N PRO C 8 -11.31 27.82 13.68
CA PRO C 8 -12.61 28.50 13.65
C PRO C 8 -12.78 29.06 12.24
N ARG C 9 -14.01 29.26 11.78
CA ARG C 9 -14.23 29.75 10.43
C ARG C 9 -13.70 31.17 10.23
N SER C 10 -13.70 31.97 11.30
CA SER C 10 -13.21 33.34 11.23
C SER C 10 -11.67 33.48 11.23
N LYS C 11 -10.94 32.37 11.38
CA LYS C 11 -9.49 32.43 11.47
C LYS C 11 -8.71 32.06 10.22
N TRP C 12 -7.59 32.74 10.01
CA TRP C 12 -6.67 32.49 8.88
C TRP C 12 -7.32 32.71 7.50
N PRO C 13 -7.86 33.90 7.27
CA PRO C 13 -8.50 34.20 5.99
C PRO C 13 -7.56 34.14 4.78
N TRP C 14 -6.25 34.14 5.04
CA TRP C 14 -5.22 34.09 4.01
C TRP C 14 -4.80 32.68 3.58
N GLN C 15 -5.26 31.67 4.31
CA GLN C 15 -4.87 30.31 3.96
C GLN C 15 -5.37 29.83 2.59
N VAL C 16 -4.50 29.20 1.82
CA VAL C 16 -4.91 28.63 0.51
C VAL C 16 -4.43 27.16 0.41
N SER C 17 -5.07 26.44 -0.51
CA SER C 17 -4.74 25.05 -0.78
C SER C 17 -4.32 24.94 -2.25
N LEU C 18 -3.18 24.31 -2.52
CA LEU C 18 -2.72 24.11 -3.89
C LEU C 18 -3.19 22.71 -4.29
N ARG C 19 -3.75 22.62 -5.50
CA ARG C 19 -4.30 21.36 -6.00
C ARG C 19 -3.63 20.85 -7.26
N VAL C 20 -3.51 19.52 -7.35
CA VAL C 20 -2.95 18.91 -8.57
C VAL C 20 -4.01 17.99 -9.20
N ARG C 21 -4.08 17.99 -10.52
CA ARG C 21 -5.06 17.17 -11.22
C ARG C 21 -4.70 15.68 -11.12
N ASP C 22 -5.54 14.94 -10.40
CA ASP C 22 -5.34 13.50 -10.24
C ASP C 22 -6.71 12.93 -10.64
N ARG C 23 -7.32 12.05 -9.86
CA ARG C 23 -8.64 11.57 -10.22
C ARG C 23 -9.64 12.64 -9.75
N TYR C 24 -9.11 13.60 -8.98
CA TYR C 24 -9.83 14.77 -8.47
C TYR C 24 -8.75 15.86 -8.27
N TRP C 25 -9.15 17.10 -7.95
CA TRP C 25 -8.16 18.17 -7.70
C TRP C 25 -7.68 17.98 -6.26
N MET C 26 -6.68 17.11 -6.14
N MET C 26 -6.66 17.13 -6.16
CA MET C 26 -6.13 16.76 -4.85
CA MET C 26 -6.05 16.74 -4.90
C MET C 26 -5.17 17.75 -4.23
C MET C 26 -5.14 17.75 -4.23
N HIS C 27 -5.36 17.99 -2.93
CA HIS C 27 -4.54 18.92 -2.17
C HIS C 27 -3.12 18.36 -2.03
N PHE C 28 -2.10 19.19 -2.24
CA PHE C 28 -0.71 18.74 -2.07
C PHE C 28 0.18 19.70 -1.27
N CYS C 29 -0.26 20.93 -1.12
CA CYS C 29 0.52 21.91 -0.38
C CYS C 29 -0.36 23.09 0.01
N GLY C 30 0.13 23.85 0.97
CA GLY C 30 -0.59 25.04 1.39
C GLY C 30 0.09 26.25 0.77
N GLY C 31 -0.47 27.42 1.08
CA GLY C 31 0.06 28.69 0.61
C GLY C 31 -0.66 29.80 1.37
N SER C 32 -0.28 31.04 1.12
CA SER C 32 -0.92 32.17 1.80
C SER C 32 -1.14 33.30 0.79
N LEU C 33 -2.29 33.95 0.92
CA LEU C 33 -2.66 35.09 0.08
C LEU C 33 -1.93 36.31 0.67
N ILE C 34 -0.90 36.81 -0.03
CA ILE C 34 -0.13 37.96 0.48
C ILE C 34 -0.45 39.25 -0.26
N HIS C 35 -1.29 39.14 -1.29
CA HIS C 35 -1.75 40.27 -2.08
C HIS C 35 -2.98 39.71 -2.79
N PRO C 36 -3.97 40.54 -3.19
CA PRO C 36 -5.16 39.99 -3.86
C PRO C 36 -4.89 39.15 -5.10
N GLN C 37 -3.72 39.31 -5.72
CA GLN C 37 -3.41 38.54 -6.91
C GLN C 37 -2.20 37.61 -6.76
N TRP C 38 -1.66 37.52 -5.55
CA TRP C 38 -0.46 36.71 -5.31
C TRP C 38 -0.51 35.74 -4.13
N VAL C 39 -0.07 34.51 -4.37
CA VAL C 39 -0.01 33.48 -3.31
C VAL C 39 1.45 33.19 -3.02
N LEU C 40 1.81 33.12 -1.75
CA LEU C 40 3.18 32.78 -1.34
C LEU C 40 3.20 31.29 -0.93
N THR C 41 4.19 30.53 -1.38
CA THR C 41 4.28 29.11 -1.03
C THR C 41 5.75 28.68 -1.01
N ALA C 42 6.00 27.37 -0.91
CA ALA C 42 7.37 26.85 -0.88
C ALA C 42 7.77 26.43 -2.29
N ALA C 43 9.01 26.70 -2.64
CA ALA C 43 9.50 26.32 -3.96
C ALA C 43 9.38 24.81 -4.19
N HIS C 44 9.68 24.00 -3.17
CA HIS C 44 9.63 22.56 -3.40
C HIS C 44 8.21 22.05 -3.71
N CYS C 45 7.18 22.83 -3.38
CA CYS C 45 5.81 22.44 -3.67
C CYS C 45 5.52 22.44 -5.17
N VAL C 46 6.20 23.32 -5.89
N VAL C 46 6.21 23.32 -5.91
CA VAL C 46 6.00 23.43 -7.33
CA VAL C 46 5.98 23.46 -7.34
C VAL C 46 7.18 22.87 -8.10
C VAL C 46 7.20 23.21 -8.22
N GLY C 47 7.86 21.90 -7.48
N GLY C 47 8.39 23.26 -7.64
CA GLY C 47 9.00 21.24 -8.07
CA GLY C 47 9.61 23.02 -8.39
C GLY C 47 8.69 19.77 -8.30
C GLY C 47 10.43 21.89 -7.80
N PRO C 48 9.65 18.99 -8.82
N PRO C 48 11.72 21.77 -8.17
CA PRO C 48 11.01 19.35 -9.21
CA PRO C 48 12.42 22.65 -9.11
C PRO C 48 11.25 20.10 -10.52
C PRO C 48 11.99 22.49 -10.57
N ASP C 49 10.33 19.99 -11.47
N ASP C 49 11.33 21.37 -10.88
CA ASP C 49 10.51 20.65 -12.76
CA ASP C 49 10.86 21.09 -12.25
C ASP C 49 9.50 21.76 -12.97
C ASP C 49 9.72 22.03 -12.65
N VAL C 50 9.75 22.58 -14.01
N VAL C 50 9.88 22.68 -13.80
CA VAL C 50 8.84 23.65 -14.39
CA VAL C 50 8.85 23.60 -14.31
C VAL C 50 7.52 22.93 -14.71
C VAL C 50 7.55 22.84 -14.60
N LYS C 51 6.46 23.29 -13.99
CA LYS C 51 5.15 22.67 -14.15
C LYS C 51 4.27 23.08 -15.33
N ASP C 52 3.41 22.15 -15.73
CA ASP C 52 2.41 22.44 -16.75
C ASP C 52 1.28 23.06 -15.88
N LEU C 53 1.05 24.37 -16.00
CA LEU C 53 0.03 25.02 -15.18
C LEU C 53 -1.41 24.49 -15.32
N ALA C 54 -1.66 23.74 -16.38
CA ALA C 54 -2.98 23.17 -16.59
C ALA C 54 -3.26 22.08 -15.52
N THR C 55 -2.19 21.59 -14.89
CA THR C 55 -2.31 20.55 -13.88
C THR C 55 -2.42 21.08 -12.44
N LEU C 56 -2.44 22.39 -12.28
N LEU C 56 -2.45 22.40 -12.28
CA LEU C 56 -2.50 23.02 -10.95
CA LEU C 56 -2.50 22.99 -10.95
C LEU C 56 -3.65 24.01 -10.78
C LEU C 56 -3.63 24.00 -10.78
N ARG C 57 -4.20 24.06 -9.58
CA ARG C 57 -5.27 25.01 -9.26
C ARG C 57 -5.03 25.54 -7.84
N VAL C 58 -5.60 26.70 -7.54
CA VAL C 58 -5.51 27.33 -6.22
C VAL C 58 -6.92 27.39 -5.63
N GLN C 59 -7.05 27.06 -4.35
CA GLN C 59 -8.33 27.11 -3.64
C GLN C 59 -8.14 28.09 -2.46
N LEU C 60 -8.97 29.13 -2.37
CA LEU C 60 -8.85 30.09 -1.26
C LEU C 60 -9.46 29.50 0.02
N ARG C 61 -9.41 30.27 1.11
CA ARG C 61 -9.89 29.78 2.40
C ARG C 61 -11.24 29.05 2.34
N GLU C 62 -11.23 27.79 2.75
CA GLU C 62 -12.45 27.00 2.85
C GLU C 62 -12.29 26.23 4.13
N GLN C 63 -13.38 25.88 4.79
CA GLN C 63 -13.28 25.18 6.06
C GLN C 63 -12.95 23.69 5.92
N HIS C 64 -13.42 23.09 4.83
CA HIS C 64 -13.21 21.67 4.56
C HIS C 64 -12.77 21.48 3.13
N LEU C 65 -11.68 20.76 2.93
CA LEU C 65 -11.20 20.49 1.59
C LEU C 65 -12.19 19.75 0.71
N TYR C 66 -12.30 20.21 -0.54
CA TYR C 66 -13.11 19.58 -1.58
C TYR C 66 -14.61 19.84 -1.56
N TYR C 67 -15.13 20.24 -0.41
CA TYR C 67 -16.55 20.50 -0.27
C TYR C 67 -17.15 21.63 -1.11
C TYR C 67 -16.69 22.01 -0.48
N GLN C 68 -16.79 22.87 -0.81
N GLN C 68 -17.36 22.42 -1.55
CA GLN C 68 -17.33 23.98 -1.57
CA GLN C 68 -17.58 23.83 -1.85
C GLN C 68 -16.19 24.55 -2.37
C GLN C 68 -16.41 24.51 -2.57
N ASP C 69 -15.55 23.73 -3.20
CA ASP C 69 -14.40 24.24 -3.97
C ASP C 69 -14.81 25.24 -5.06
N GLN C 70 -13.99 26.26 -5.26
CA GLN C 70 -14.16 27.26 -6.32
C GLN C 70 -12.69 27.43 -6.76
N LEU C 71 -12.25 26.54 -7.66
CA LEU C 71 -10.85 26.53 -8.06
C LEU C 71 -10.42 27.65 -8.97
N LEU C 72 -9.22 28.15 -8.74
CA LEU C 72 -8.68 29.25 -9.54
C LEU C 72 -7.44 28.85 -10.33
N PRO C 73 -7.39 29.20 -11.63
CA PRO C 73 -6.19 28.83 -12.38
C PRO C 73 -5.01 29.75 -12.00
N VAL C 74 -3.80 29.29 -12.28
CA VAL C 74 -2.58 30.06 -11.97
C VAL C 74 -2.02 30.69 -13.25
N SER C 75 -1.78 32.00 -13.22
CA SER C 75 -1.26 32.71 -14.38
C SER C 75 0.22 32.39 -14.59
N ARG C 76 1.01 32.44 -13.53
CA ARG C 76 2.41 32.07 -13.62
C ARG C 76 2.97 31.71 -12.26
N ILE C 77 4.12 31.02 -12.28
CA ILE C 77 4.84 30.60 -11.09
C ILE C 77 6.23 31.19 -11.16
N ILE C 78 6.70 31.76 -10.04
CA ILE C 78 8.04 32.29 -9.96
C ILE C 78 8.69 31.61 -8.73
N VAL C 79 9.74 30.84 -8.98
CA VAL C 79 10.46 30.15 -7.91
C VAL C 79 11.78 30.88 -7.68
N HIS C 80 12.19 31.04 -6.42
CA HIS C 80 13.46 31.72 -6.15
C HIS C 80 14.55 30.99 -6.92
N PRO C 81 15.39 31.73 -7.69
CA PRO C 81 16.46 31.10 -8.48
C PRO C 81 17.56 30.37 -7.71
N GLN C 82 17.72 30.63 -6.41
CA GLN C 82 18.73 29.92 -5.66
C GLN C 82 18.28 28.50 -5.27
N PHE C 83 16.99 28.23 -5.47
CA PHE C 83 16.43 26.93 -5.12
C PHE C 83 16.78 25.83 -6.13
N TYR C 84 17.18 24.66 -5.62
CA TYR C 84 17.43 23.54 -6.50
C TYR C 84 17.12 22.23 -5.77
N ILE C 85 17.02 21.15 -6.55
CA ILE C 85 16.69 19.83 -6.00
C ILE C 85 17.60 19.27 -4.92
N ILE C 86 16.96 18.57 -3.99
CA ILE C 86 17.65 17.97 -2.85
C ILE C 86 18.66 18.94 -2.14
N GLN C 87 18.10 20.07 -1.74
CA GLN C 87 18.79 21.11 -0.97
C GLN C 87 17.55 21.87 -0.42
N THR C 88 17.66 22.43 0.78
CA THR C 88 16.49 23.09 1.38
C THR C 88 16.52 24.61 1.51
N GLY C 89 17.61 25.25 1.10
CA GLY C 89 17.66 26.69 1.17
C GLY C 89 16.81 27.36 0.07
N ALA C 90 16.48 28.64 0.27
CA ALA C 90 15.67 29.40 -0.69
C ALA C 90 14.36 28.67 -1.07
N ASP C 91 13.74 28.01 -0.09
CA ASP C 91 12.51 27.26 -0.37
C ASP C 91 11.30 28.18 -0.36
N ILE C 92 11.13 28.92 -1.45
CA ILE C 92 10.06 29.90 -1.52
C ILE C 92 9.66 30.16 -2.95
N ALA C 93 8.37 30.39 -3.18
CA ALA C 93 7.87 30.64 -4.52
C ALA C 93 6.62 31.50 -4.47
N LEU C 94 6.28 32.10 -5.61
CA LEU C 94 5.10 32.95 -5.77
C LEU C 94 4.23 32.41 -6.92
N LEU C 95 2.91 32.46 -6.71
CA LEU C 95 1.91 32.07 -7.69
C LEU C 95 1.05 33.31 -7.99
N GLU C 96 1.06 33.77 -9.25
CA GLU C 96 0.24 34.91 -9.62
C GLU C 96 -1.08 34.38 -10.10
N LEU C 97 -2.18 34.92 -9.57
CA LEU C 97 -3.52 34.48 -10.02
C LEU C 97 -3.88 35.26 -11.27
N GLU C 98 -4.85 34.76 -12.05
CA GLU C 98 -5.26 35.44 -13.29
C GLU C 98 -5.78 36.83 -13.03
N GLU C 99 -6.48 36.96 -11.91
CA GLU C 99 -7.04 38.26 -11.55
C GLU C 99 -7.10 38.33 -10.03
N PRO C 100 -7.31 39.55 -9.49
CA PRO C 100 -7.38 39.66 -8.04
C PRO C 100 -8.66 39.06 -7.48
N VAL C 101 -8.54 38.53 -6.26
CA VAL C 101 -9.67 37.95 -5.58
C VAL C 101 -10.43 39.08 -4.87
N ASN C 102 -11.72 38.87 -4.63
CA ASN C 102 -12.51 39.87 -3.92
C ASN C 102 -12.13 39.73 -2.44
N ILE C 103 -11.62 40.81 -1.86
CA ILE C 103 -11.20 40.81 -0.45
C ILE C 103 -12.40 41.03 0.48
N SER C 104 -12.56 40.14 1.46
CA SER C 104 -13.65 40.24 2.43
C SER C 104 -13.06 39.87 3.79
N SER C 105 -13.90 39.84 4.81
CA SER C 105 -13.38 39.46 6.11
C SER C 105 -13.08 37.97 6.15
N ARG C 106 -13.75 37.17 5.32
CA ARG C 106 -13.49 35.73 5.35
C ARG C 106 -12.31 35.30 4.47
N VAL C 107 -11.94 36.17 3.52
CA VAL C 107 -10.82 35.90 2.63
C VAL C 107 -10.06 37.18 2.44
N HIS C 108 -8.85 37.23 2.97
CA HIS C 108 -8.04 38.43 2.76
C HIS C 108 -6.56 38.12 2.97
N THR C 109 -5.72 39.10 2.68
CA THR C 109 -4.29 38.88 2.77
C THR C 109 -3.71 38.86 4.17
N VAL C 110 -2.51 38.27 4.29
CA VAL C 110 -1.79 38.28 5.55
C VAL C 110 -0.67 39.33 5.39
N MET C 111 -0.35 40.03 6.48
CA MET C 111 0.69 41.04 6.42
C MET C 111 2.09 40.40 6.50
N LEU C 112 3.02 40.90 5.70
CA LEU C 112 4.38 40.39 5.72
C LEU C 112 5.08 41.16 6.84
N PRO C 113 6.14 40.56 7.41
CA PRO C 113 6.83 41.25 8.51
C PRO C 113 7.81 42.32 8.04
N PRO C 114 8.11 43.30 8.91
CA PRO C 114 9.07 44.32 8.51
C PRO C 114 10.41 43.58 8.58
N ALA C 115 11.36 43.94 7.72
CA ALA C 115 12.67 43.31 7.66
C ALA C 115 13.39 43.10 9.03
N SER C 116 13.15 43.99 9.97
CA SER C 116 13.79 43.92 11.29
C SER C 116 13.23 42.90 12.30
N GLU C 117 12.05 42.35 12.02
CA GLU C 117 11.45 41.40 12.95
C GLU C 117 12.13 40.01 12.92
N THR C 118 12.65 39.62 14.07
CA THR C 118 13.34 38.36 14.21
C THR C 118 12.50 37.20 14.74
N PHE C 119 11.32 37.48 15.28
CA PHE C 119 10.46 36.43 15.84
C PHE C 119 11.25 35.55 16.82
N PRO C 120 11.71 36.15 17.93
CA PRO C 120 12.49 35.38 18.91
C PRO C 120 11.63 34.42 19.75
N PRO C 121 12.28 33.49 20.46
CA PRO C 121 11.61 32.51 21.30
C PRO C 121 10.57 33.17 22.24
N GLY C 122 9.42 32.52 22.41
CA GLY C 122 8.37 33.04 23.29
C GLY C 122 7.22 33.71 22.57
N MET C 123 7.47 34.09 21.33
CA MET C 123 6.50 34.74 20.46
C MET C 123 5.36 33.75 20.19
N PRO C 124 4.09 34.20 20.33
CA PRO C 124 2.93 33.33 20.07
C PRO C 124 2.73 33.16 18.55
N CYS C 125 2.93 31.94 18.05
CA CYS C 125 2.80 31.69 16.62
C CYS C 125 2.00 30.45 16.36
N TRP C 126 1.31 30.46 15.23
CA TRP C 126 0.47 29.35 14.82
C TRP C 126 0.83 28.94 13.40
N VAL C 127 0.77 27.64 13.16
CA VAL C 127 0.97 27.12 11.80
C VAL C 127 -0.37 26.42 11.48
N THR C 128 -0.79 26.55 10.23
CA THR C 128 -2.06 26.01 9.80
C THR C 128 -1.95 25.19 8.50
N GLY C 129 -2.88 24.26 8.32
CA GLY C 129 -2.87 23.44 7.12
C GLY C 129 -3.76 22.21 7.16
N TRP C 130 -3.79 21.49 6.05
CA TRP C 130 -4.59 20.28 5.86
C TRP C 130 -3.67 19.07 5.69
N GLY C 131 -2.45 19.17 6.21
CA GLY C 131 -1.51 18.06 6.13
C GLY C 131 -1.70 16.95 7.17
N ASP C 132 -0.74 16.02 7.19
CA ASP C 132 -0.79 14.86 8.09
C ASP C 132 -0.92 15.26 9.54
N VAL C 133 -1.67 14.45 10.30
CA VAL C 133 -1.90 14.70 11.72
C VAL C 133 -0.91 13.95 12.60
N ASP C 134 -0.04 13.17 11.94
CA ASP C 134 1.04 12.41 12.57
C ASP C 134 1.89 11.87 11.42
N ASN C 135 3.05 11.31 11.73
CA ASN C 135 3.89 10.74 10.68
C ASN C 135 3.10 9.71 9.90
N ASP C 136 3.07 9.84 8.57
N ASP C 136 3.08 9.87 8.58
CA ASP C 136 2.36 8.90 7.72
CA ASP C 136 2.37 8.95 7.68
C ASP C 136 0.91 8.71 8.12
C ASP C 136 0.92 8.74 8.08
N GLU C 137 0.29 9.77 8.64
CA GLU C 137 -1.10 9.67 9.06
C GLU C 137 -1.86 10.84 8.44
N PRO C 138 -2.52 10.62 7.28
CA PRO C 138 -3.24 11.75 6.68
C PRO C 138 -4.42 12.35 7.45
N LEU C 139 -4.75 13.61 7.14
CA LEU C 139 -5.88 14.27 7.75
C LEU C 139 -7.11 13.49 7.31
N PRO C 140 -7.96 13.04 8.26
CA PRO C 140 -9.17 12.27 7.89
C PRO C 140 -10.29 13.12 7.31
N PRO C 141 -11.22 12.48 6.56
CA PRO C 141 -12.36 13.24 5.99
C PRO C 141 -13.07 13.77 7.25
N PRO C 142 -13.78 14.93 7.19
CA PRO C 142 -14.03 15.88 6.10
C PRO C 142 -12.94 16.92 5.81
N PHE C 143 -11.71 16.62 6.25
CA PHE C 143 -10.55 17.49 5.98
C PHE C 143 -10.69 18.91 6.52
N PRO C 144 -10.92 19.07 7.84
CA PRO C 144 -11.04 20.44 8.35
C PRO C 144 -9.68 21.15 8.35
N LEU C 145 -9.66 22.45 8.10
CA LEU C 145 -8.40 23.19 8.20
C LEU C 145 -8.00 23.12 9.71
N LYS C 146 -6.76 22.74 9.99
CA LYS C 146 -6.31 22.66 11.38
C LYS C 146 -5.30 23.74 11.72
N GLN C 147 -5.14 23.99 13.01
CA GLN C 147 -4.19 24.99 13.50
C GLN C 147 -3.49 24.44 14.73
N VAL C 148 -2.28 24.92 14.99
CA VAL C 148 -1.57 24.52 16.21
C VAL C 148 -0.58 25.63 16.60
N LYS C 149 -0.51 25.93 17.90
CA LYS C 149 0.44 26.95 18.37
C LYS C 149 1.80 26.24 18.47
N VAL C 150 2.84 26.81 17.89
CA VAL C 150 4.16 26.16 17.95
C VAL C 150 5.22 27.06 18.53
N PRO C 151 6.00 26.54 19.49
CA PRO C 151 7.05 27.36 20.11
C PRO C 151 8.24 27.60 19.19
N ILE C 152 8.70 28.84 19.12
CA ILE C 152 9.86 29.23 18.33
C ILE C 152 11.13 28.76 19.08
N MET C 153 12.16 28.35 18.34
CA MET C 153 13.46 27.96 18.93
C MET C 153 14.47 28.78 18.18
N GLU C 154 15.33 29.48 18.92
CA GLU C 154 16.35 30.33 18.33
C GLU C 154 17.19 29.49 17.36
N ASN C 155 17.58 30.07 16.22
CA ASN C 155 18.33 29.32 15.19
C ASN C 155 19.54 28.51 15.62
N HIS C 156 20.45 29.07 16.40
CA HIS C 156 21.64 28.30 16.81
C HIS C 156 21.29 27.15 17.74
N ILE C 157 20.33 27.38 18.65
CA ILE C 157 19.86 26.35 19.57
C ILE C 157 19.29 25.21 18.69
N CYS C 158 18.54 25.63 17.67
CA CYS C 158 17.91 24.73 16.73
C CYS C 158 18.97 23.97 15.94
N ASP C 159 20.00 24.68 15.49
CA ASP C 159 21.10 24.05 14.74
C ASP C 159 21.75 22.99 15.63
N ALA C 160 21.95 23.32 16.90
CA ALA C 160 22.55 22.37 17.82
C ALA C 160 21.65 21.14 18.00
N LYS C 161 20.33 21.35 18.11
CA LYS C 161 19.41 20.20 18.24
C LYS C 161 19.55 19.22 17.06
N TYR C 162 19.61 19.76 15.84
CA TYR C 162 19.77 18.92 14.66
C TYR C 162 21.11 18.15 14.59
N HIS C 163 22.09 18.55 15.41
CA HIS C 163 23.38 17.85 15.44
C HIS C 163 23.29 16.70 16.45
N LEU C 164 22.30 16.75 17.33
CA LEU C 164 22.12 15.68 18.33
C LEU C 164 21.75 14.37 17.67
N GLY C 165 22.60 13.36 17.86
CA GLY C 165 22.32 12.06 17.28
C GLY C 165 22.53 12.02 15.78
N ALA C 166 23.32 12.95 15.25
CA ALA C 166 23.61 13.00 13.81
C ALA C 166 25.12 12.91 13.60
N TYR C 167 25.55 12.48 12.41
N TYR C 167 25.54 12.50 12.40
CA TYR C 167 26.98 12.36 12.13
CA TYR C 167 26.96 12.36 12.09
C TYR C 167 27.62 13.68 11.70
C TYR C 167 27.62 13.70 11.75
N THR C 168 26.80 14.67 11.37
CA THR C 168 27.31 15.98 10.95
C THR C 168 28.28 16.63 11.94
N GLY C 169 29.37 17.18 11.42
CA GLY C 169 30.33 17.85 12.28
C GLY C 169 29.70 19.07 12.95
N ASP C 170 30.14 19.39 14.17
CA ASP C 170 29.60 20.53 14.90
C ASP C 170 29.80 21.91 14.26
N ASP C 171 30.83 22.03 13.44
CA ASP C 171 31.13 23.27 12.73
C ASP C 171 30.37 23.36 11.38
N VAL C 172 29.66 22.30 11.01
CA VAL C 172 28.88 22.30 9.78
C VAL C 172 27.46 22.77 10.13
N ARG C 173 27.05 23.90 9.58
CA ARG C 173 25.72 24.47 9.83
C ARG C 173 24.63 23.72 9.08
N ILE C 174 23.60 23.28 9.81
CA ILE C 174 22.47 22.58 9.19
C ILE C 174 21.35 23.61 9.00
N ILE C 175 21.09 24.40 10.05
CA ILE C 175 20.04 25.41 9.98
C ILE C 175 20.69 26.75 9.61
N ARG C 176 20.22 27.36 8.53
CA ARG C 176 20.80 28.62 8.05
C ARG C 176 20.00 29.89 8.39
N ASP C 177 20.58 31.04 8.07
CA ASP C 177 19.96 32.33 8.38
C ASP C 177 18.64 32.60 7.68
N ASP C 178 18.40 31.93 6.56
CA ASP C 178 17.16 32.10 5.80
C ASP C 178 16.09 31.11 6.27
N MET C 179 16.35 30.49 7.42
CA MET C 179 15.42 29.52 8.03
C MET C 179 15.02 29.99 9.44
N LEU C 180 13.90 29.44 9.91
CA LEU C 180 13.32 29.75 11.22
C LEU C 180 12.84 28.42 11.77
N CYS C 181 13.00 28.20 13.08
CA CYS C 181 12.60 26.94 13.71
C CYS C 181 11.44 27.12 14.66
N ALA C 182 10.50 26.19 14.63
CA ALA C 182 9.34 26.20 15.50
C ALA C 182 8.73 24.81 15.63
N GLY C 183 8.17 24.52 16.80
CA GLY C 183 7.52 23.24 17.03
C GLY C 183 8.25 22.43 18.07
N ASN C 184 7.57 21.44 18.62
CA ASN C 184 8.20 20.54 19.58
C ASN C 184 7.71 19.10 19.35
N SER C 185 7.96 18.21 20.30
CA SER C 185 7.53 16.82 20.08
C SER C 185 6.06 16.59 20.29
N GLN C 186 5.29 17.66 20.49
CA GLN C 186 3.84 17.56 20.65
C GLN C 186 3.07 18.32 19.57
N ARG C 187 3.64 19.44 19.12
CA ARG C 187 2.99 20.32 18.17
C ARG C 187 3.91 20.69 17.03
N ASP C 188 3.41 20.52 15.81
CA ASP C 188 4.25 20.77 14.64
C ASP C 188 3.41 20.74 13.36
N SER C 189 4.04 21.10 12.25
CA SER C 189 3.41 20.98 10.93
C SER C 189 3.97 19.62 10.41
N CYS C 190 3.49 19.15 9.26
CA CYS C 190 3.91 17.85 8.74
C CYS C 190 3.76 17.80 7.20
N GLN C 191 3.96 16.63 6.61
CA GLN C 191 3.80 16.51 5.16
C GLN C 191 2.37 16.97 4.86
N GLY C 192 2.19 17.64 3.73
CA GLY C 192 0.87 18.13 3.36
C GLY C 192 0.67 19.56 3.84
N ASP C 193 1.53 20.04 4.75
CA ASP C 193 1.44 21.41 5.26
C ASP C 193 2.42 22.36 4.55
N SER C 194 3.37 21.78 3.82
CA SER C 194 4.38 22.56 3.12
C SER C 194 3.82 23.70 2.31
N GLY C 195 4.52 24.83 2.36
CA GLY C 195 4.11 26.00 1.61
C GLY C 195 3.14 26.86 2.37
N GLY C 196 2.54 26.31 3.44
CA GLY C 196 1.58 27.08 4.24
C GLY C 196 2.24 28.03 5.21
N PRO C 197 1.44 28.91 5.84
CA PRO C 197 1.98 29.90 6.78
C PRO C 197 2.20 29.58 8.25
N LEU C 198 3.24 30.21 8.79
CA LEU C 198 3.55 30.20 10.21
C LEU C 198 3.35 31.71 10.46
N VAL C 199 2.32 32.07 11.22
CA VAL C 199 2.05 33.48 11.49
C VAL C 199 2.17 33.76 12.98
N CYS C 200 2.70 34.93 13.33
CA CYS C 200 2.84 35.28 14.74
C CYS C 200 2.10 36.57 15.05
N LYS C 201 1.56 36.66 16.25
CA LYS C 201 0.84 37.85 16.71
C LYS C 201 1.90 38.77 17.32
N VAL C 202 2.13 39.89 16.65
CA VAL C 202 3.13 40.85 17.08
C VAL C 202 2.46 42.20 17.38
N ASN C 203 2.46 42.60 18.65
CA ASN C 203 1.84 43.86 19.11
C ASN C 203 0.46 44.00 18.47
N GLY C 204 -0.36 42.96 18.65
CA GLY C 204 -1.72 42.96 18.11
C GLY C 204 -1.90 42.73 16.61
N THR C 205 -0.81 42.53 15.87
CA THR C 205 -0.90 42.29 14.43
C THR C 205 -0.34 40.94 13.96
N TRP C 206 -1.10 40.21 13.15
CA TRP C 206 -0.60 38.93 12.62
C TRP C 206 0.38 39.23 11.49
N LEU C 207 1.56 38.63 11.57
CA LEU C 207 2.58 38.79 10.53
C LEU C 207 3.00 37.37 10.14
N GLN C 208 3.23 37.15 8.85
CA GLN C 208 3.69 35.83 8.43
C GLN C 208 5.20 35.71 8.66
N ALA C 209 5.59 34.86 9.60
CA ALA C 209 7.01 34.69 9.92
C ALA C 209 7.69 33.69 9.04
N GLY C 210 6.96 32.66 8.60
CA GLY C 210 7.61 31.63 7.80
C GLY C 210 6.70 30.86 6.87
N VAL C 211 7.31 30.02 6.05
CA VAL C 211 6.62 29.14 5.08
C VAL C 211 7.04 27.71 5.48
N VAL C 212 6.06 26.81 5.70
CA VAL C 212 6.38 25.41 6.08
C VAL C 212 7.32 24.84 5.02
N SER C 213 8.46 24.32 5.46
CA SER C 213 9.46 23.79 4.52
C SER C 213 9.87 22.34 4.70
N TRP C 214 10.45 22.00 5.85
CA TRP C 214 10.91 20.65 6.08
C TRP C 214 11.18 20.36 7.54
N GLY C 215 11.59 19.13 7.83
CA GLY C 215 11.94 18.78 9.19
C GLY C 215 12.28 17.31 9.18
N GLU C 216 12.87 16.79 10.25
CA GLU C 216 13.10 15.34 10.30
C GLU C 216 11.86 14.79 11.03
N GLY C 217 11.04 14.03 10.30
CA GLY C 217 9.81 13.53 10.87
C GLY C 217 8.87 14.72 11.17
N CYS C 218 7.85 14.47 11.98
CA CYS C 218 6.90 15.49 12.41
C CYS C 218 6.75 15.34 13.93
N ALA C 219 7.00 16.42 14.66
CA ALA C 219 6.90 16.43 16.13
C ALA C 219 7.84 15.37 16.69
N GLN C 220 8.99 15.22 16.03
CA GLN C 220 10.00 14.26 16.47
C GLN C 220 10.88 14.95 17.51
N PRO C 221 11.20 14.25 18.61
CA PRO C 221 12.05 14.81 19.65
C PRO C 221 13.37 15.39 19.08
N ASN C 222 13.73 16.61 19.53
CA ASN C 222 14.97 17.30 19.12
C ASN C 222 15.04 17.67 17.63
N ARG C 223 13.89 17.66 16.96
CA ARG C 223 13.84 17.97 15.53
C ARG C 223 12.70 18.96 15.26
N PRO C 224 12.88 20.24 15.65
CA PRO C 224 11.81 21.22 15.40
C PRO C 224 11.52 21.41 13.90
N GLY C 225 10.32 21.92 13.59
CA GLY C 225 9.95 22.16 12.20
C GLY C 225 10.79 23.30 11.66
N ILE C 226 11.17 23.20 10.38
CA ILE C 226 12.00 24.24 9.77
C ILE C 226 11.17 24.98 8.72
N TYR C 227 11.21 26.32 8.81
CA TYR C 227 10.46 27.21 7.95
C TYR C 227 11.35 28.16 7.16
N THR C 228 10.94 28.50 5.94
CA THR C 228 11.69 29.49 5.18
C THR C 228 11.39 30.80 5.94
N ARG C 229 12.42 31.56 6.27
CA ARG C 229 12.26 32.83 7.02
C ARG C 229 11.84 33.94 6.03
N VAL C 230 10.59 34.36 6.13
CA VAL C 230 10.02 35.37 5.22
C VAL C 230 10.80 36.68 5.13
N THR C 231 11.25 37.24 6.25
CA THR C 231 11.99 38.51 6.22
C THR C 231 13.24 38.40 5.34
N TYR C 232 13.85 37.22 5.32
CA TYR C 232 15.04 37.03 4.50
C TYR C 232 14.82 37.27 2.98
N TYR C 233 13.59 37.03 2.50
CA TYR C 233 13.27 37.14 1.08
C TYR C 233 12.30 38.27 0.73
N LEU C 234 12.17 39.26 1.60
CA LEU C 234 11.28 40.38 1.30
C LEU C 234 11.67 41.10 0.02
N ASP C 235 12.96 41.34 -0.19
CA ASP C 235 13.40 42.03 -1.42
C ASP C 235 13.04 41.26 -2.69
N TRP C 236 13.18 39.93 -2.65
CA TRP C 236 12.83 39.09 -3.80
C TRP C 236 11.30 39.17 -4.01
N ILE C 237 10.55 39.00 -2.92
CA ILE C 237 9.09 39.08 -2.99
C ILE C 237 8.63 40.41 -3.59
N HIS C 238 9.13 41.52 -3.05
CA HIS C 238 8.77 42.87 -3.51
C HIS C 238 9.20 43.17 -4.94
N HIS C 239 9.93 42.25 -5.53
CA HIS C 239 10.36 42.40 -6.90
C HIS C 239 9.18 42.00 -7.80
N TYR C 240 8.20 41.31 -7.23
CA TYR C 240 7.04 40.85 -8.00
C TYR C 240 5.73 41.33 -7.44
N VAL C 241 5.64 41.34 -6.12
CA VAL C 241 4.40 41.71 -5.47
C VAL C 241 4.42 43.20 -5.09
N PRO C 242 3.43 43.96 -5.60
CA PRO C 242 3.29 45.40 -5.32
C PRO C 242 3.06 45.64 -3.82
N LYS C 243 3.32 46.87 -3.39
CA LYS C 243 3.10 47.25 -2.01
C LYS C 243 1.70 47.87 -1.91
N ILE D 1 -20.46 2.66 -6.86
CA ILE D 1 -21.41 2.64 -8.01
C ILE D 1 -20.61 2.85 -9.30
N VAL D 2 -20.75 1.91 -10.23
CA VAL D 2 -20.05 1.96 -11.52
C VAL D 2 -21.02 2.43 -12.61
N GLY D 3 -20.54 3.37 -13.43
N GLY D 3 -20.59 3.49 -13.30
CA GLY D 3 -21.32 3.88 -14.56
CA GLY D 3 -21.44 4.12 -14.31
C GLY D 3 -22.50 4.77 -14.26
C GLY D 3 -22.30 5.10 -13.52
N GLY D 4 -22.52 5.37 -13.06
N GLY D 4 -23.43 5.51 -14.07
CA GLY D 4 -23.62 6.23 -12.69
CA GLY D 4 -24.26 6.41 -13.31
C GLY D 4 -23.23 7.68 -12.58
C GLY D 4 -23.80 7.86 -13.17
N GLN D 5 -24.15 8.48 -12.05
CA GLN D 5 -23.86 9.88 -11.86
C GLN D 5 -24.29 10.28 -10.46
N GLU D 6 -23.94 11.51 -10.07
N GLU D 6 -23.96 11.51 -10.09
CA GLU D 6 -24.31 12.01 -8.75
CA GLU D 6 -24.31 12.04 -8.78
C GLU D 6 -25.82 12.11 -8.67
C GLU D 6 -25.83 12.15 -8.66
N ALA D 7 -26.36 11.67 -7.55
CA ALA D 7 -27.80 11.70 -7.33
C ALA D 7 -28.32 13.12 -7.08
N PRO D 8 -29.53 13.43 -7.56
CA PRO D 8 -30.07 14.78 -7.31
C PRO D 8 -30.34 14.77 -5.79
N ARG D 9 -30.27 15.92 -5.13
CA ARG D 9 -30.49 16.00 -3.69
C ARG D 9 -31.85 15.51 -3.18
N SER D 10 -32.85 15.53 -4.05
CA SER D 10 -34.19 15.11 -3.67
C SER D 10 -34.47 13.61 -3.83
N LYS D 11 -33.53 12.87 -4.43
CA LYS D 11 -33.69 11.44 -4.65
C LYS D 11 -33.11 10.56 -3.52
N TRP D 12 -33.70 9.39 -3.31
CA TRP D 12 -33.23 8.39 -2.35
C TRP D 12 -33.14 8.90 -0.91
N PRO D 13 -34.26 9.43 -0.38
CA PRO D 13 -34.33 9.96 0.99
C PRO D 13 -34.09 8.90 2.09
N TRP D 14 -34.06 7.63 1.68
CA TRP D 14 -33.90 6.51 2.59
C TRP D 14 -32.47 5.97 2.64
N GLN D 15 -31.59 6.51 1.81
CA GLN D 15 -30.21 6.00 1.79
C GLN D 15 -29.46 6.35 3.09
N VAL D 16 -28.75 5.38 3.66
CA VAL D 16 -27.94 5.66 4.84
C VAL D 16 -26.52 5.10 4.63
N SER D 17 -25.59 5.59 5.45
CA SER D 17 -24.21 5.15 5.41
C SER D 17 -23.90 4.53 6.77
N LEU D 18 -23.24 3.37 6.78
CA LEU D 18 -22.83 2.71 8.03
C LEU D 18 -21.36 3.09 8.25
N ARG D 19 -21.06 3.50 9.48
CA ARG D 19 -19.73 3.97 9.87
C ARG D 19 -19.10 3.13 10.97
N VAL D 20 -17.80 2.87 10.82
CA VAL D 20 -17.05 2.12 11.82
C VAL D 20 -15.98 3.07 12.41
N ARG D 21 -15.73 2.97 13.71
CA ARG D 21 -14.75 3.84 14.34
C ARG D 21 -13.32 3.43 13.98
N ASP D 22 -12.63 4.25 13.19
CA ASP D 22 -11.24 3.95 12.79
C ASP D 22 -10.47 5.23 12.38
N ARG D 23 -10.03 6.01 13.37
CA ARG D 23 -9.33 7.31 13.19
C ARG D 23 -10.40 8.38 12.90
N TYR D 24 -11.47 7.98 12.19
CA TYR D 24 -12.63 8.83 11.93
C TYR D 24 -13.80 7.85 11.77
N TRP D 25 -15.04 8.35 11.67
CA TRP D 25 -16.20 7.46 11.49
C TRP D 25 -16.30 7.13 10.00
N MET D 26 -15.58 6.07 9.61
CA MET D 26 -15.45 5.68 8.23
C MET D 26 -16.57 4.82 7.66
N HIS D 27 -17.04 5.19 6.48
CA HIS D 27 -18.11 4.48 5.78
C HIS D 27 -17.58 3.10 5.38
N PHE D 28 -18.39 2.06 5.59
CA PHE D 28 -17.97 0.73 5.17
C PHE D 28 -19.10 0.01 4.41
N CYS D 29 -20.31 0.54 4.50
CA CYS D 29 -21.48 -0.08 3.84
C CYS D 29 -22.63 0.88 3.82
N GLY D 30 -23.59 0.58 2.98
CA GLY D 30 -24.79 1.38 2.93
C GLY D 30 -25.91 0.63 3.63
N GLY D 31 -27.09 1.24 3.65
CA GLY D 31 -28.25 0.64 4.27
C GLY D 31 -29.42 1.46 3.78
N SER D 32 -30.62 1.12 4.20
CA SER D 32 -31.80 1.90 3.81
C SER D 32 -32.74 2.03 5.02
N LEU D 33 -33.41 3.19 5.12
CA LEU D 33 -34.35 3.42 6.22
C LEU D 33 -35.69 2.80 5.84
N ILE D 34 -36.08 1.72 6.52
CA ILE D 34 -37.34 1.04 6.21
C ILE D 34 -38.43 1.31 7.26
N HIS D 35 -38.10 2.12 8.26
CA HIS D 35 -39.01 2.46 9.35
C HIS D 35 -38.27 3.57 10.08
N PRO D 36 -38.98 4.52 10.71
CA PRO D 36 -38.33 5.63 11.42
C PRO D 36 -37.23 5.23 12.38
N GLN D 37 -37.27 3.99 12.86
CA GLN D 37 -36.26 3.50 13.79
C GLN D 37 -35.47 2.25 13.32
N TRP D 38 -35.64 1.82 12.07
CA TRP D 38 -34.92 0.65 11.59
C TRP D 38 -34.23 0.86 10.25
N VAL D 39 -33.04 0.28 10.15
CA VAL D 39 -32.24 0.35 8.94
C VAL D 39 -32.06 -1.08 8.40
N LEU D 40 -32.23 -1.25 7.08
CA LEU D 40 -32.02 -2.55 6.47
C LEU D 40 -30.64 -2.53 5.82
N THR D 41 -29.89 -3.62 5.98
CA THR D 41 -28.57 -3.72 5.39
C THR D 41 -28.20 -5.19 5.11
N ALA D 42 -26.95 -5.45 4.75
CA ALA D 42 -26.51 -6.83 4.48
C ALA D 42 -25.85 -7.41 5.71
N ALA D 43 -26.12 -8.70 5.95
CA ALA D 43 -25.53 -9.38 7.08
C ALA D 43 -23.98 -9.30 7.03
N HIS D 44 -23.39 -9.47 5.85
CA HIS D 44 -21.92 -9.44 5.79
C HIS D 44 -21.30 -8.09 6.15
N CYS D 45 -22.10 -7.02 6.15
CA CYS D 45 -21.60 -5.70 6.53
C CYS D 45 -21.26 -5.66 8.03
N VAL D 46 -22.06 -6.36 8.82
N VAL D 46 -22.06 -6.35 8.84
CA VAL D 46 -21.87 -6.40 10.26
CA VAL D 46 -21.85 -6.36 10.29
C VAL D 46 -21.24 -7.70 10.77
C VAL D 46 -21.38 -7.71 10.83
N GLY D 47 -20.47 -8.36 9.90
N GLY D 47 -21.85 -8.79 10.22
CA GLY D 47 -19.80 -9.60 10.25
CA GLY D 47 -21.48 -10.14 10.65
C GLY D 47 -18.28 -9.36 10.21
C GLY D 47 -20.43 -10.80 9.78
N PRO D 48 -17.45 -10.41 10.38
N PRO D 48 -20.17 -12.10 9.99
CA PRO D 48 -17.83 -11.81 10.61
CA PRO D 48 -20.84 -12.95 10.98
C PRO D 48 -18.21 -12.16 12.04
C PRO D 48 -20.36 -12.72 12.42
N ASP D 49 -17.85 -11.29 12.99
N ASP D 49 -19.31 -11.94 12.59
CA ASP D 49 -18.16 -11.55 14.40
CA ASP D 49 -18.76 -11.64 13.92
C ASP D 49 -19.20 -10.57 14.95
C ASP D 49 -19.58 -10.59 14.67
N VAL D 50 -19.78 -10.92 16.09
N VAL D 50 -20.00 -10.94 15.89
CA VAL D 50 -20.74 -10.04 16.74
CA VAL D 50 -20.77 -10.03 16.72
C VAL D 50 -19.94 -8.78 17.11
C VAL D 50 -19.92 -8.79 17.06
N LYS D 51 -20.44 -7.63 16.67
CA LYS D 51 -19.79 -6.33 16.87
C LYS D 51 -20.06 -5.61 18.18
N ASP D 52 -19.06 -4.90 18.70
CA ASP D 52 -19.25 -4.06 19.88
C ASP D 52 -20.02 -2.88 19.28
N LEU D 53 -21.25 -2.66 19.73
CA LEU D 53 -22.07 -1.56 19.20
C LEU D 53 -21.48 -0.15 19.36
N ALA D 54 -20.61 0.05 20.34
CA ALA D 54 -19.99 1.36 20.51
C ALA D 54 -19.12 1.73 19.28
N THR D 55 -18.70 0.73 18.51
CA THR D 55 -17.84 0.97 17.34
C THR D 55 -18.58 1.33 16.04
N LEU D 56 -19.90 1.41 16.09
CA LEU D 56 -20.70 1.67 14.90
C LEU D 56 -21.64 2.88 14.98
N ARG D 57 -21.91 3.54 13.84
CA ARG D 57 -22.87 4.65 13.78
C ARG D 57 -23.61 4.60 12.45
N VAL D 58 -24.79 5.20 12.42
CA VAL D 58 -25.57 5.29 11.19
C VAL D 58 -25.67 6.78 10.85
N GLN D 59 -25.55 7.10 9.57
CA GLN D 59 -25.65 8.47 9.06
C GLN D 59 -26.79 8.46 8.06
N LEU D 60 -27.79 9.33 8.26
CA LEU D 60 -28.94 9.42 7.37
C LEU D 60 -28.49 10.10 6.08
N ARG D 61 -29.38 10.21 5.10
CA ARG D 61 -28.97 10.77 3.80
C ARG D 61 -28.12 12.05 3.80
N GLU D 62 -27.01 11.97 3.07
CA GLU D 62 -26.07 13.07 2.91
C GLU D 62 -25.74 13.13 1.44
N GLN D 63 -25.74 14.33 0.86
CA GLN D 63 -25.41 14.45 -0.54
C GLN D 63 -23.92 14.14 -0.66
N HIS D 64 -23.11 14.56 0.34
CA HIS D 64 -21.66 14.32 0.33
C HIS D 64 -21.25 13.68 1.65
N LEU D 65 -20.63 12.50 1.55
CA LEU D 65 -20.19 11.74 2.72
C LEU D 65 -19.22 12.51 3.63
N TYR D 66 -19.43 12.44 4.94
CA TYR D 66 -18.57 13.07 5.96
C TYR D 66 -18.75 14.56 6.17
N TYR D 67 -19.28 15.27 5.19
CA TYR D 67 -19.40 16.70 5.36
C TYR D 67 -20.38 17.29 6.36
C TYR D 67 -20.83 16.81 5.93
N GLN D 68 -21.57 16.75 6.48
N GLN D 68 -20.95 17.38 7.13
CA GLN D 68 -22.45 17.31 7.48
CA GLN D 68 -22.24 17.58 7.79
C GLN D 68 -22.98 16.15 8.29
C GLN D 68 -22.89 16.38 8.50
N ASP D 69 -22.06 15.43 8.92
CA ASP D 69 -22.45 14.25 9.68
C ASP D 69 -23.23 14.59 10.94
N GLN D 70 -24.23 13.76 11.25
CA GLN D 70 -25.01 13.85 12.47
C GLN D 70 -25.15 12.35 12.73
N LEU D 71 -24.12 11.77 13.33
CA LEU D 71 -24.08 10.33 13.54
C LEU D 71 -25.03 9.84 14.61
N LEU D 72 -25.64 8.68 14.35
CA LEU D 72 -26.62 8.09 15.27
C LEU D 72 -26.17 6.73 15.78
N PRO D 73 -26.21 6.53 17.11
CA PRO D 73 -25.81 5.24 17.67
C PRO D 73 -26.90 4.23 17.37
N VAL D 74 -26.53 2.95 17.51
CA VAL D 74 -27.40 1.81 17.25
C VAL D 74 -27.73 1.11 18.57
N SER D 75 -28.99 0.71 18.69
CA SER D 75 -29.50 0.03 19.87
C SER D 75 -29.34 -1.49 19.77
N ARG D 76 -29.52 -2.04 18.58
CA ARG D 76 -29.44 -3.48 18.46
C ARG D 76 -29.11 -3.84 17.02
N ILE D 77 -28.41 -4.97 16.84
CA ILE D 77 -28.08 -5.48 15.50
C ILE D 77 -28.67 -6.88 15.39
N ILE D 78 -29.51 -7.10 14.36
CA ILE D 78 -30.12 -8.42 14.19
C ILE D 78 -29.71 -8.94 12.81
N VAL D 79 -28.97 -10.05 12.81
CA VAL D 79 -28.46 -10.66 11.59
C VAL D 79 -29.23 -11.95 11.35
N HIS D 80 -29.60 -12.20 10.10
CA HIS D 80 -30.35 -13.40 9.81
C HIS D 80 -29.53 -14.60 10.29
N PRO D 81 -30.14 -15.47 11.12
CA PRO D 81 -29.44 -16.65 11.65
C PRO D 81 -28.91 -17.68 10.63
N GLN D 82 -29.48 -17.68 9.42
CA GLN D 82 -29.00 -18.60 8.39
C GLN D 82 -27.66 -18.11 7.77
N PHE D 83 -27.31 -16.86 8.06
CA PHE D 83 -26.08 -16.30 7.53
C PHE D 83 -24.82 -16.84 8.24
N TYR D 84 -23.78 -17.17 7.48
CA TYR D 84 -22.52 -17.56 8.10
C TYR D 84 -21.36 -17.19 7.21
N ILE D 85 -20.19 -17.17 7.84
CA ILE D 85 -18.90 -16.81 7.26
C ILE D 85 -18.62 -17.51 5.90
N ILE D 86 -18.08 -16.74 4.96
CA ILE D 86 -17.76 -17.28 3.61
C ILE D 86 -18.89 -18.12 2.92
N GLN D 87 -19.96 -17.44 2.59
CA GLN D 87 -21.14 -17.97 1.88
C GLN D 87 -22.03 -16.73 1.73
N THR D 88 -22.88 -16.70 0.71
CA THR D 88 -23.69 -15.51 0.44
C THR D 88 -25.21 -15.59 0.63
N GLY D 89 -25.70 -16.72 1.13
CA GLY D 89 -27.12 -16.83 1.35
C GLY D 89 -27.51 -16.04 2.59
N ALA D 90 -28.80 -15.69 2.69
CA ALA D 90 -29.34 -14.97 3.83
C ALA D 90 -28.49 -13.75 4.22
N ASP D 91 -28.05 -13.00 3.22
CA ASP D 91 -27.22 -11.83 3.48
C ASP D 91 -28.10 -10.62 3.75
N ILE D 92 -28.62 -10.58 4.98
CA ILE D 92 -29.53 -9.52 5.41
C ILE D 92 -29.47 -9.32 6.93
N ALA D 93 -29.61 -8.09 7.35
CA ALA D 93 -29.53 -7.74 8.78
C ALA D 93 -30.33 -6.46 9.01
N LEU D 94 -30.69 -6.24 10.27
CA LEU D 94 -31.44 -5.06 10.69
C LEU D 94 -30.70 -4.31 11.80
N LEU D 95 -30.77 -2.98 11.75
CA LEU D 95 -30.17 -2.16 12.80
C LEU D 95 -31.30 -1.34 13.40
N GLU D 96 -31.51 -1.49 14.71
CA GLU D 96 -32.54 -0.70 15.39
C GLU D 96 -31.82 0.51 15.96
N LEU D 97 -32.26 1.71 15.56
CA LEU D 97 -31.64 2.95 16.03
C LEU D 97 -32.02 3.20 17.50
N GLU D 98 -31.22 3.97 18.23
CA GLU D 98 -31.54 4.21 19.63
C GLU D 98 -32.81 5.05 19.67
N GLU D 99 -32.95 5.89 18.64
CA GLU D 99 -34.05 6.83 18.50
C GLU D 99 -34.74 6.84 17.14
N PRO D 100 -36.06 7.14 17.10
CA PRO D 100 -36.77 7.18 15.81
C PRO D 100 -36.31 8.49 15.15
N VAL D 101 -36.11 8.47 13.84
CA VAL D 101 -35.68 9.70 13.20
C VAL D 101 -36.87 10.53 12.75
N ASN D 102 -36.65 11.83 12.57
CA ASN D 102 -37.71 12.73 12.09
C ASN D 102 -37.88 12.45 10.61
N ILE D 103 -39.12 12.21 10.21
CA ILE D 103 -39.43 11.92 8.83
C ILE D 103 -39.74 13.21 8.08
N SER D 104 -39.15 13.36 6.89
CA SER D 104 -39.39 14.57 6.11
C SER D 104 -39.26 14.27 4.64
N SER D 105 -39.38 15.32 3.86
CA SER D 105 -39.25 15.18 2.45
C SER D 105 -37.83 14.64 2.10
N ARG D 106 -36.82 15.23 2.73
CA ARG D 106 -35.40 14.89 2.49
C ARG D 106 -34.94 13.55 3.09
N VAL D 107 -35.56 13.17 4.21
CA VAL D 107 -35.25 11.94 4.90
C VAL D 107 -36.52 11.16 5.23
N HIS D 108 -36.68 9.97 4.66
CA HIS D 108 -37.83 9.16 4.99
C HIS D 108 -37.64 7.74 4.50
N THR D 109 -38.54 6.85 4.91
CA THR D 109 -38.47 5.43 4.58
C THR D 109 -38.79 5.07 3.13
N VAL D 110 -38.35 3.88 2.74
CA VAL D 110 -38.63 3.30 1.42
C VAL D 110 -39.60 2.15 1.74
N MET D 111 -40.56 1.92 0.84
N MET D 111 -40.57 1.91 0.85
CA MET D 111 -41.54 0.85 1.03
CA MET D 111 -41.54 0.84 1.09
C MET D 111 -40.97 -0.52 0.65
C MET D 111 -40.95 -0.51 0.67
N LEU D 112 -41.32 -1.55 1.41
CA LEU D 112 -40.87 -2.89 1.11
C LEU D 112 -41.85 -3.43 0.06
N PRO D 113 -41.37 -4.34 -0.80
CA PRO D 113 -42.27 -4.89 -1.82
C PRO D 113 -43.30 -5.89 -1.27
N PRO D 114 -44.44 -6.04 -1.98
CA PRO D 114 -45.42 -7.01 -1.49
C PRO D 114 -44.79 -8.35 -1.89
N ALA D 115 -45.13 -9.42 -1.19
CA ALA D 115 -44.57 -10.72 -1.46
C ALA D 115 -44.66 -11.16 -2.93
N SER D 116 -45.70 -10.73 -3.63
CA SER D 116 -45.93 -11.11 -5.03
C SER D 116 -45.07 -10.45 -6.10
N GLU D 117 -44.38 -9.38 -5.72
CA GLU D 117 -43.58 -8.67 -6.68
C GLU D 117 -42.28 -9.44 -6.98
N THR D 118 -42.13 -9.84 -8.25
CA THR D 118 -40.96 -10.61 -8.68
C THR D 118 -39.87 -9.73 -9.31
N PHE D 119 -40.21 -8.49 -9.64
CA PHE D 119 -39.27 -7.57 -10.28
C PHE D 119 -38.68 -8.21 -11.53
N PRO D 120 -39.52 -8.41 -12.55
CA PRO D 120 -39.04 -9.02 -13.79
C PRO D 120 -38.17 -8.14 -14.67
N PRO D 121 -37.48 -8.76 -15.64
CA PRO D 121 -36.63 -8.03 -16.57
C PRO D 121 -37.47 -6.88 -17.19
N GLY D 122 -36.86 -5.71 -17.38
CA GLY D 122 -37.58 -4.59 -17.97
C GLY D 122 -38.04 -3.55 -16.95
N MET D 123 -38.13 -4.01 -15.70
CA MET D 123 -38.51 -3.17 -14.58
C MET D 123 -37.43 -2.07 -14.48
N PRO D 124 -37.82 -0.80 -14.22
CA PRO D 124 -36.84 0.29 -14.09
C PRO D 124 -36.30 0.36 -12.63
N CYS D 125 -35.02 0.01 -12.44
CA CYS D 125 -34.43 -0.01 -11.10
C CYS D 125 -33.12 0.75 -11.00
N TRP D 126 -32.84 1.27 -9.82
N TRP D 126 -32.85 1.28 -9.81
CA TRP D 126 -31.62 2.03 -9.54
CA TRP D 126 -31.62 2.03 -9.53
C TRP D 126 -30.99 1.53 -8.26
C TRP D 126 -30.99 1.50 -8.27
N VAL D 127 -29.66 1.49 -8.23
CA VAL D 127 -28.93 1.08 -7.03
C VAL D 127 -28.13 2.33 -6.70
N THR D 128 -27.99 2.63 -5.41
CA THR D 128 -27.33 3.85 -4.97
C THR D 128 -26.27 3.63 -3.88
N GLY D 129 -25.28 4.51 -3.81
CA GLY D 129 -24.27 4.33 -2.79
C GLY D 129 -23.04 5.20 -2.98
N TRP D 130 -22.12 5.08 -2.02
CA TRP D 130 -20.87 5.84 -2.04
C TRP D 130 -19.68 4.90 -2.31
N GLY D 131 -19.93 3.74 -2.93
CA GLY D 131 -18.87 2.78 -3.18
C GLY D 131 -17.95 3.09 -4.34
N ASP D 132 -17.05 2.15 -4.64
CA ASP D 132 -16.08 2.29 -5.72
C ASP D 132 -16.74 2.58 -7.04
N VAL D 133 -16.10 3.40 -7.86
CA VAL D 133 -16.66 3.75 -9.16
C VAL D 133 -16.15 2.80 -10.27
N ASP D 134 -15.28 1.88 -9.87
CA ASP D 134 -14.74 0.86 -10.77
C ASP D 134 -13.98 -0.10 -9.86
N ASN D 135 -13.56 -1.26 -10.36
CA ASN D 135 -12.80 -2.21 -9.56
C ASN D 135 -11.60 -1.53 -8.92
N ASP D 136 -11.49 -1.62 -7.60
CA ASP D 136 -10.37 -1.02 -6.88
C ASP D 136 -10.20 0.47 -7.13
N GLU D 137 -11.28 1.14 -7.52
CA GLU D 137 -11.26 2.58 -7.81
C GLU D 137 -12.26 3.24 -6.86
N PRO D 138 -11.78 3.82 -5.76
CA PRO D 138 -12.68 4.46 -4.80
C PRO D 138 -13.32 5.74 -5.30
N LEU D 139 -14.46 6.08 -4.70
CA LEU D 139 -15.16 7.32 -5.02
C LEU D 139 -14.26 8.47 -4.50
N PRO D 140 -13.93 9.45 -5.36
CA PRO D 140 -13.08 10.56 -4.92
C PRO D 140 -13.81 11.61 -4.09
N PRO D 141 -13.05 12.38 -3.30
CA PRO D 141 -13.68 13.44 -2.50
C PRO D 141 -14.31 14.35 -3.57
N PRO D 142 -15.40 15.08 -3.26
CA PRO D 142 -16.12 15.16 -2.00
C PRO D 142 -17.14 14.05 -1.74
N PHE D 143 -16.94 12.88 -2.35
CA PHE D 143 -17.81 11.73 -2.10
C PHE D 143 -19.33 11.95 -2.32
N PRO D 144 -19.76 12.33 -3.54
CA PRO D 144 -21.20 12.52 -3.75
C PRO D 144 -21.94 11.20 -3.73
N LEU D 145 -23.19 11.20 -3.28
CA LEU D 145 -24.00 9.97 -3.36
C LEU D 145 -24.24 9.73 -4.86
N LYS D 146 -23.98 8.50 -5.31
CA LYS D 146 -24.18 8.13 -6.71
C LYS D 146 -25.36 7.19 -6.91
N GLN D 147 -25.85 7.14 -8.15
CA GLN D 147 -26.99 6.32 -8.53
C GLN D 147 -26.71 5.80 -9.93
N VAL D 148 -27.27 4.63 -10.25
CA VAL D 148 -27.14 4.10 -11.59
C VAL D 148 -28.37 3.22 -11.85
N LYS D 149 -28.91 3.30 -13.06
CA LYS D 149 -30.06 2.49 -13.45
C LYS D 149 -29.45 1.18 -13.91
N VAL D 150 -29.94 0.07 -13.37
CA VAL D 150 -29.42 -1.23 -13.72
C VAL D 150 -30.50 -2.17 -14.26
N PRO D 151 -30.18 -2.95 -15.31
CA PRO D 151 -31.22 -3.85 -15.84
C PRO D 151 -31.36 -5.13 -15.00
N ILE D 152 -32.58 -5.56 -14.75
CA ILE D 152 -32.85 -6.79 -14.00
C ILE D 152 -32.66 -7.97 -14.96
N MET D 153 -32.01 -9.03 -14.48
CA MET D 153 -31.79 -10.25 -15.24
C MET D 153 -32.49 -11.38 -14.47
N GLU D 154 -33.35 -12.11 -15.17
CA GLU D 154 -34.10 -13.23 -14.61
C GLU D 154 -33.11 -14.23 -13.94
N ASN D 155 -33.45 -14.72 -12.75
CA ASN D 155 -32.57 -15.63 -12.01
C ASN D 155 -31.94 -16.80 -12.75
N HIS D 156 -32.73 -17.50 -13.57
CA HIS D 156 -32.20 -18.65 -14.28
C HIS D 156 -31.19 -18.27 -15.33
N ILE D 157 -31.44 -17.15 -15.99
CA ILE D 157 -30.52 -16.67 -17.01
C ILE D 157 -29.25 -16.18 -16.33
N CYS D 158 -29.42 -15.54 -15.18
CA CYS D 158 -28.30 -15.04 -14.38
C CYS D 158 -27.42 -16.21 -13.90
N ASP D 159 -28.06 -17.27 -13.42
CA ASP D 159 -27.34 -18.43 -12.95
C ASP D 159 -26.54 -19.01 -14.12
N ALA D 160 -27.13 -19.05 -15.32
CA ALA D 160 -26.42 -19.58 -16.49
C ALA D 160 -25.20 -18.71 -16.81
N LYS D 161 -25.38 -17.39 -16.73
CA LYS D 161 -24.28 -16.43 -16.97
C LYS D 161 -23.11 -16.71 -16.03
N TYR D 162 -23.40 -16.92 -14.75
CA TYR D 162 -22.36 -17.21 -13.75
C TYR D 162 -21.63 -18.55 -13.99
N HIS D 163 -22.21 -19.39 -14.85
CA HIS D 163 -21.57 -20.67 -15.17
C HIS D 163 -20.64 -20.50 -16.38
N LEU D 164 -20.85 -19.45 -17.17
CA LEU D 164 -19.99 -19.20 -18.33
C LEU D 164 -18.59 -18.86 -17.89
N GLY D 165 -17.62 -19.62 -18.35
CA GLY D 165 -16.23 -19.37 -18.00
C GLY D 165 -15.90 -19.85 -16.59
N ALA D 166 -16.78 -20.67 -16.00
CA ALA D 166 -16.56 -21.19 -14.63
C ALA D 166 -16.41 -22.72 -14.68
N TYR D 167 -15.87 -23.29 -13.60
CA TYR D 167 -15.66 -24.74 -13.52
C TYR D 167 -16.90 -25.47 -12.94
N THR D 168 -17.81 -24.69 -12.36
CA THR D 168 -19.00 -25.23 -11.71
C THR D 168 -19.95 -26.05 -12.60
N GLY D 169 -20.43 -27.17 -12.06
CA GLY D 169 -21.34 -28.03 -12.81
C GLY D 169 -22.60 -27.28 -13.19
N ASP D 170 -23.08 -27.51 -14.41
CA ASP D 170 -24.30 -26.85 -14.91
C ASP D 170 -25.49 -27.05 -13.99
N ASP D 171 -25.55 -28.23 -13.36
CA ASP D 171 -26.64 -28.57 -12.47
C ASP D 171 -26.40 -28.10 -11.04
N VAL D 172 -25.34 -27.35 -10.79
CA VAL D 172 -25.05 -26.81 -9.46
C VAL D 172 -25.51 -25.35 -9.53
N ARG D 173 -26.51 -24.99 -8.72
CA ARG D 173 -27.08 -23.63 -8.70
C ARG D 173 -26.24 -22.61 -7.95
N ILE D 174 -25.72 -21.61 -8.66
CA ILE D 174 -24.92 -20.58 -8.03
C ILE D 174 -25.84 -19.50 -7.46
N ILE D 175 -26.73 -19.01 -8.31
CA ILE D 175 -27.69 -17.97 -7.93
C ILE D 175 -28.96 -18.63 -7.36
N ARG D 176 -29.22 -18.38 -6.07
CA ARG D 176 -30.37 -18.97 -5.41
C ARG D 176 -31.63 -18.11 -5.42
N ASP D 177 -32.73 -18.71 -4.97
CA ASP D 177 -34.02 -18.03 -4.97
C ASP D 177 -34.15 -16.84 -4.03
N ASP D 178 -33.28 -16.75 -3.03
CA ASP D 178 -33.33 -15.61 -2.13
C ASP D 178 -32.41 -14.52 -2.66
N MET D 179 -32.04 -14.65 -3.94
CA MET D 179 -31.18 -13.68 -4.62
C MET D 179 -31.87 -13.06 -5.82
N LEU D 180 -31.36 -11.90 -6.25
CA LEU D 180 -31.92 -11.17 -7.39
C LEU D 180 -30.72 -10.64 -8.16
N CYS D 181 -30.79 -10.66 -9.50
CA CYS D 181 -29.67 -10.17 -10.32
C CYS D 181 -29.97 -8.87 -11.07
N ALA D 182 -29.01 -7.95 -11.10
CA ALA D 182 -29.18 -6.70 -11.82
C ALA D 182 -27.82 -6.13 -12.19
N GLY D 183 -27.79 -5.43 -13.33
CA GLY D 183 -26.59 -4.78 -13.82
C GLY D 183 -26.05 -5.40 -15.11
N ASN D 184 -25.12 -4.69 -15.74
CA ASN D 184 -24.47 -5.19 -16.95
C ASN D 184 -23.00 -4.75 -16.87
N SER D 185 -22.25 -4.91 -17.96
CA SER D 185 -20.84 -4.56 -17.92
C SER D 185 -20.54 -3.06 -17.98
N GLN D 186 -21.59 -2.23 -17.94
CA GLN D 186 -21.41 -0.79 -17.92
C GLN D 186 -21.99 -0.15 -16.64
N ARG D 187 -23.01 -0.78 -16.07
N ARG D 187 -23.00 -0.82 -16.07
CA ARG D 187 -23.70 -0.25 -14.88
CA ARG D 187 -23.73 -0.33 -14.90
C ARG D 187 -23.83 -1.29 -13.76
C ARG D 187 -23.75 -1.35 -13.76
N ASP D 188 -23.33 -0.96 -12.57
CA ASP D 188 -23.36 -1.91 -11.44
C ASP D 188 -23.05 -1.25 -10.08
N SER D 189 -23.26 -2.00 -9.00
CA SER D 189 -22.86 -1.55 -7.66
C SER D 189 -21.44 -2.15 -7.53
N CYS D 190 -20.76 -1.86 -6.42
CA CYS D 190 -19.40 -2.35 -6.27
C CYS D 190 -19.04 -2.33 -4.78
N GLN D 191 -17.77 -2.61 -4.46
CA GLN D 191 -17.33 -2.58 -3.07
C GLN D 191 -17.67 -1.19 -2.50
N GLY D 192 -18.11 -1.15 -1.24
CA GLY D 192 -18.48 0.13 -0.65
C GLY D 192 -19.98 0.39 -0.78
N ASP D 193 -20.65 -0.32 -1.69
CA ASP D 193 -22.10 -0.17 -1.86
C ASP D 193 -22.89 -1.24 -1.13
N SER D 194 -22.21 -2.26 -0.60
CA SER D 194 -22.90 -3.34 0.11
C SER D 194 -23.87 -2.89 1.19
N GLY D 195 -25.02 -3.56 1.28
CA GLY D 195 -26.01 -3.23 2.29
C GLY D 195 -26.97 -2.15 1.84
N GLY D 196 -26.58 -1.42 0.80
CA GLY D 196 -27.42 -0.35 0.27
C GLY D 196 -28.60 -0.91 -0.51
N PRO D 197 -29.51 -0.04 -0.94
CA PRO D 197 -30.71 -0.43 -1.68
C PRO D 197 -30.71 -0.51 -3.21
N LEU D 198 -31.44 -1.50 -3.74
CA LEU D 198 -31.72 -1.61 -5.17
C LEU D 198 -33.23 -1.30 -5.12
N VAL D 199 -33.66 -0.18 -5.70
CA VAL D 199 -35.09 0.16 -5.68
C VAL D 199 -35.65 0.21 -7.11
N CYS D 200 -36.91 -0.22 -7.27
CA CYS D 200 -37.56 -0.20 -8.59
C CYS D 200 -38.86 0.61 -8.51
N LYS D 201 -39.17 1.37 -9.56
CA LYS D 201 -40.39 2.17 -9.54
C LYS D 201 -41.50 1.30 -10.13
N VAL D 202 -42.47 0.91 -9.30
CA VAL D 202 -43.56 0.06 -9.72
C VAL D 202 -44.86 0.83 -9.62
N ASN D 203 -45.45 1.11 -10.77
CA ASN D 203 -46.71 1.86 -10.82
C ASN D 203 -46.63 3.15 -10.00
N GLY D 204 -45.56 3.90 -10.26
CA GLY D 204 -45.34 5.19 -9.61
C GLY D 204 -44.81 5.17 -8.20
N THR D 205 -44.62 4.00 -7.61
CA THR D 205 -44.12 3.89 -6.23
C THR D 205 -42.77 3.20 -6.16
N TRP D 206 -41.85 3.77 -5.38
CA TRP D 206 -40.54 3.15 -5.20
C TRP D 206 -40.64 2.01 -4.19
N LEU D 207 -40.15 0.82 -4.59
CA LEU D 207 -40.14 -0.35 -3.71
C LEU D 207 -38.72 -0.88 -3.64
N GLN D 208 -38.30 -1.37 -2.47
CA GLN D 208 -36.94 -1.92 -2.35
C GLN D 208 -36.93 -3.40 -2.75
N ALA D 209 -36.36 -3.67 -3.93
CA ALA D 209 -36.24 -5.01 -4.50
C ALA D 209 -35.08 -5.80 -3.91
N GLY D 210 -33.94 -5.13 -3.69
CA GLY D 210 -32.80 -5.86 -3.17
C GLY D 210 -31.86 -5.07 -2.29
N VAL D 211 -30.93 -5.81 -1.71
CA VAL D 211 -29.88 -5.28 -0.84
C VAL D 211 -28.56 -5.68 -1.52
N VAL D 212 -27.69 -4.70 -1.79
CA VAL D 212 -26.41 -5.01 -2.46
C VAL D 212 -25.67 -6.07 -1.64
N SER D 213 -25.32 -7.19 -2.28
CA SER D 213 -24.67 -8.30 -1.58
C SER D 213 -23.30 -8.69 -2.14
N TRP D 214 -23.27 -9.18 -3.37
CA TRP D 214 -21.99 -9.59 -3.94
C TRP D 214 -21.99 -9.63 -5.47
N GLY D 215 -20.85 -10.05 -6.02
CA GLY D 215 -20.70 -10.20 -7.46
C GLY D 215 -19.25 -10.56 -7.79
N GLU D 216 -18.98 -11.01 -9.01
CA GLU D 216 -17.60 -11.27 -9.36
C GLU D 216 -17.15 -9.98 -10.04
N GLY D 217 -16.22 -9.26 -9.41
CA GLY D 217 -15.76 -7.98 -9.96
C GLY D 217 -16.92 -7.00 -9.85
N CYS D 218 -16.84 -5.90 -10.60
CA CYS D 218 -17.90 -4.90 -10.63
C CYS D 218 -18.06 -4.59 -12.11
N ALA D 219 -19.32 -4.65 -12.60
CA ALA D 219 -19.61 -4.42 -14.02
C ALA D 219 -18.74 -5.32 -14.93
N GLN D 220 -18.51 -6.56 -14.50
CA GLN D 220 -17.72 -7.50 -15.27
C GLN D 220 -18.62 -8.30 -16.25
N PRO D 221 -18.16 -8.48 -17.50
CA PRO D 221 -18.96 -9.23 -18.49
C PRO D 221 -19.43 -10.59 -17.94
N ASN D 222 -20.71 -10.89 -18.19
CA ASN D 222 -21.33 -12.13 -17.76
C ASN D 222 -21.40 -12.33 -16.25
N ARG D 223 -21.24 -11.22 -15.52
CA ARG D 223 -21.31 -11.30 -14.07
C ARG D 223 -22.17 -10.18 -13.47
N PRO D 224 -23.50 -10.28 -13.59
N PRO D 224 -23.51 -10.27 -13.60
CA PRO D 224 -24.40 -9.26 -13.03
CA PRO D 224 -24.37 -9.23 -13.03
C PRO D 224 -24.24 -9.14 -11.51
C PRO D 224 -24.23 -9.12 -11.51
N GLY D 225 -24.57 -7.97 -10.96
CA GLY D 225 -24.49 -7.78 -9.51
C GLY D 225 -25.58 -8.65 -8.86
N ILE D 226 -25.26 -9.23 -7.69
CA ILE D 226 -26.20 -10.09 -6.97
C ILE D 226 -26.67 -9.38 -5.69
N TYR D 227 -27.98 -9.38 -5.52
CA TYR D 227 -28.65 -8.71 -4.42
C TYR D 227 -29.45 -9.68 -3.58
N THR D 228 -29.60 -9.40 -2.30
CA THR D 228 -30.46 -10.24 -1.47
C THR D 228 -31.88 -9.84 -1.91
N ARG D 229 -32.70 -10.84 -2.23
CA ARG D 229 -34.09 -10.60 -2.65
C ARG D 229 -34.95 -10.29 -1.41
N VAL D 230 -35.34 -9.03 -1.26
CA VAL D 230 -36.11 -8.63 -0.09
C VAL D 230 -37.41 -9.40 0.13
N THR D 231 -38.21 -9.62 -0.91
CA THR D 231 -39.48 -10.34 -0.72
C THR D 231 -39.29 -11.69 -0.01
N TYR D 232 -38.16 -12.33 -0.25
CA TYR D 232 -37.90 -13.63 0.37
C TYR D 232 -37.79 -13.57 1.91
N TYR D 233 -37.42 -12.41 2.42
CA TYR D 233 -37.20 -12.23 3.87
C TYR D 233 -38.22 -11.37 4.58
N LEU D 234 -39.33 -11.08 3.92
CA LEU D 234 -40.38 -10.25 4.53
C LEU D 234 -40.92 -10.82 5.85
N ASP D 235 -41.13 -12.13 5.96
CA ASP D 235 -41.65 -12.65 7.23
C ASP D 235 -40.64 -12.40 8.36
N TRP D 236 -39.37 -12.62 8.07
CA TRP D 236 -38.30 -12.40 9.04
C TRP D 236 -38.23 -10.91 9.42
N ILE D 237 -38.27 -10.03 8.43
CA ILE D 237 -38.23 -8.59 8.67
C ILE D 237 -39.39 -8.17 9.53
N HIS D 238 -40.56 -8.75 9.23
CA HIS D 238 -41.80 -8.45 9.95
C HIS D 238 -41.81 -8.94 11.37
N HIS D 239 -40.88 -9.83 11.73
N HIS D 239 -40.87 -9.81 11.73
CA HIS D 239 -40.84 -10.31 13.12
CA HIS D 239 -40.82 -10.31 13.10
C HIS D 239 -40.33 -9.15 13.98
C HIS D 239 -40.20 -9.24 13.99
N TYR D 240 -39.51 -8.27 13.38
CA TYR D 240 -38.90 -7.18 14.12
C TYR D 240 -39.40 -5.79 13.83
N VAL D 241 -39.66 -5.50 12.56
CA VAL D 241 -40.07 -4.16 12.19
C VAL D 241 -41.58 -4.12 12.09
N PRO D 242 -42.19 -3.15 12.79
CA PRO D 242 -43.65 -2.99 12.81
C PRO D 242 -44.27 -2.40 11.52
N LYS D 243 -45.53 -2.75 11.24
CA LYS D 243 -46.26 -2.21 10.09
C LYS D 243 -46.45 -0.73 10.40
N LEU E 2 -9.75 -14.86 4.66
CA LEU E 2 -10.73 -15.92 4.83
C LEU E 2 -10.24 -17.12 4.05
N LEU E 3 -10.33 -17.08 2.72
CA LEU E 3 -9.82 -18.19 1.91
C LEU E 3 -8.29 -18.14 2.08
N LEU F 2 14.54 10.56 -5.31
CA LEU F 2 15.65 11.50 -5.47
C LEU F 2 16.91 10.79 -4.98
N LEU F 3 17.08 10.65 -3.66
CA LEU F 3 18.25 9.90 -3.17
C LEU F 3 18.13 8.44 -3.65
N LEU G 2 10.79 14.26 5.17
CA LEU G 2 11.84 15.28 5.28
C LEU G 2 11.18 16.54 4.76
N LEU G 3 11.03 16.68 3.44
CA LEU G 3 10.34 17.85 2.92
C LEU G 3 8.87 17.77 3.33
N LEU H 2 -15.21 -9.64 -4.28
CA LEU H 2 -16.34 -10.57 -4.31
C LEU H 2 -17.49 -9.97 -3.50
N LEU H 3 -17.43 -10.02 -2.17
CA LEU H 3 -18.50 -9.37 -1.39
C LEU H 3 -18.44 -7.87 -1.64
#